data_9VQ2
#
_entry.id   9VQ2
#
_cell.length_a   1.00
_cell.length_b   1.00
_cell.length_c   1.00
_cell.angle_alpha   90.00
_cell.angle_beta   90.00
_cell.angle_gamma   90.00
#
_symmetry.space_group_name_H-M   'P 1'
#
loop_
_entity.id
_entity.type
_entity.pdbx_description
1 polymer 'Phospholipid-transporting ATPase IG'
2 polymer 'Cell cycle control protein 50A'
3 branched alpha-D-mannopyranose-(1-4)-2-acetamido-2-deoxy-beta-D-glucopyranose
4 non-polymer 'TETRAFLUOROALUMINATE ION'
5 non-polymer 'MAGNESIUM ION'
6 non-polymer O-[(R)-{[(2R)-2,3-bis(octadecanoyloxy)propyl]oxy}(hydroxy)phosphoryl]-L-serine
7 non-polymer 2-acetamido-2-deoxy-beta-D-glucopyranose
8 water water
#
loop_
_entity_poly.entity_id
_entity_poly.type
_entity_poly.pdbx_seq_one_letter_code
_entity_poly.pdbx_strand_id
1 'polypeptide(L)'
;RFCAGEEKRVGTRTVFVGNHPVSETEAYIAQRFCDNRIVSSKYTLWNFLPKNLFEQFRRIANFYFLIIFLVQVTVDTPTS
PVTSGLPLFFVITVTAIKQGYEDWLRHRADNEVNKSTVYIIENAKRVRKESEKIKVGDVVEVQADETFPCDLILLSSCTT
DGTCYVTTASLDGESNCKTHYAVRDTIALCTAESIDTLRAAIECEQPQPDLYKFVGRINIYSNSLEAVARSLGPENLLLK
GATLKNTEKIYGVAVYTGMETKMALNYQGKSQKRSAVEKSINAFLIVYLFILLTKAAVCTTLKYVWQSTPYNDEPWYNQK
TQKERETLKVLKMFTDFLSFMVLFNFIIPVSMYVTVEMQKFLGSFFISWDKDFYDEEINEGALVNTSDLNEELGQVDYVF
TDKTGTLTENSMEFIECCIDGHKYKGVTQEVDGLSQTDGTLTYFDKVDKNREELFLRALCLCHTVEIKTNDAVDGATESA
ELTYISSSPDEIALVKGAKRYGFTFLGNRNGYMRVENQRKEIEEYELLHTLNFDAVRRRMSVIVKTQEGDILLFCKGADS
AVFPRVQNHEIELTKVHVERNAMDGYRTLCVAFKEIAPDDYERINRQLIEAKMALQDREEKMEKVFDDIETNMNLIGATA
VEDKLQDQAAETIEALHAAGLKVWVLTGDKMETAKSTCYACRLFQTNTELLELTTKTIEESERKEDRLHELLIEYRKKLL
HEFPKSTRSFKKAWTEHQEYGLIIDGSTLSLILNSSQDSSSNNYKSIFLQICMKCTAVLCCRMAPLQKAQIVRMVKNLKG
SPITLSIGDGANDVSMILESHVGIGIKGKEGRQAARNSDYSVPKFKHLKKLLLAHGHLYYVRIAHLVQYFFYKNLCFILP
QFLYQFFCGFSQQPLYDAAYLTMYNICFTSLPILAYSLLEQHINIDTLTSDPRLYMKISGNAMLQLGPFLYWTFLAAFEG
TVFFFGTYFLFQTASLEENGKVYGNWTFGTIVFTVLVFTVTLKLALDTRFWTWINHFVIWGSLAFYVFFSFFWGGIIWPF
LKQQRMYFVFAQMLSSVSTWLAIILLIFISLFPEILLIVLKNVR
;
A
2 'polypeptide(L)'
;MAMNYNAKDEVDGGPPCAPGGTAKTRRPDNTAFKQQRLPAWQPILTAGTVLPIFFIIGLIFIPIGIGIFVTSNNIREIEI
DYTGTEPSSPCNKCLSPDVTPCFCTINFTLEKSFEGNVFMYYGLSNFYQNHRRYVKSRDDSQLNGDSSALLNPSKECEPY
RRNEDKPIAPCGAIMNSMFNDTLELFLIGQDSYPIPIALKKKGIAWWTDKNVKFRNPPGGDNLEERFKGTTKPVNWLKPV
YMLDSDPDNNGFINEDFIVWMRTAALPTFRKLYRLIERKSDLHPTLPAGRYWLNVTYNYPVHYFDGRKRMILSTISWMGG
KNPFLGIAYIAVGSISFLLGVVLLVINHKYRNSSNTADITI
;
C
#
loop_
_chem_comp.id
_chem_comp.type
_chem_comp.name
_chem_comp.formula
ALF non-polymer 'TETRAFLUOROALUMINATE ION' 'Al F4 -1'
MAN D-saccharide, alpha linking alpha-D-mannopyranose 'C6 H12 O6'
MG non-polymer 'MAGNESIUM ION' 'Mg 2'
NAG D-saccharide, beta linking 2-acetamido-2-deoxy-beta-D-glucopyranose 'C8 H15 N O6'
P5S non-polymer O-[(R)-{[(2R)-2,3-bis(octadecanoyloxy)propyl]oxy}(hydroxy)phosphoryl]-L-serine 'C42 H82 N O10 P'
#
# COMPACT_ATOMS: atom_id res chain seq x y z
N THR A 12 11.57 51.08 14.69
CA THR A 12 12.43 52.21 15.03
C THR A 12 13.87 51.78 15.14
N ARG A 13 14.63 51.93 14.06
CA ARG A 13 16.04 51.57 14.02
C ARG A 13 16.85 52.73 13.44
N THR A 14 18.06 52.91 13.95
CA THR A 14 18.94 53.99 13.55
C THR A 14 20.16 53.41 12.86
N VAL A 15 20.47 53.93 11.68
CA VAL A 15 21.64 53.53 10.90
C VAL A 15 22.36 54.77 10.43
N PHE A 16 23.69 54.75 10.50
CA PHE A 16 24.52 55.85 10.05
C PHE A 16 24.97 55.56 8.62
N VAL A 17 25.04 56.61 7.79
CA VAL A 17 25.28 56.42 6.36
C VAL A 17 26.63 55.75 6.13
N GLY A 18 27.66 56.24 6.81
CA GLY A 18 28.98 55.65 6.66
C GLY A 18 29.52 54.90 7.86
N ASN A 19 28.66 54.67 8.86
CA ASN A 19 29.01 54.08 10.16
C ASN A 19 29.92 54.97 10.99
N HIS A 20 30.30 56.17 10.49
CA HIS A 20 31.06 57.09 11.33
C HIS A 20 30.11 57.82 12.26
N PRO A 21 30.28 57.71 13.58
CA PRO A 21 29.38 58.39 14.50
C PRO A 21 29.47 59.91 14.35
N VAL A 22 28.33 60.57 14.55
CA VAL A 22 28.24 62.02 14.42
C VAL A 22 29.03 62.70 15.52
N GLN A 31 25.41 47.05 13.76
CA GLN A 31 25.08 46.87 15.17
C GLN A 31 24.54 45.45 15.42
N ARG A 32 23.23 45.36 15.64
CA ARG A 32 22.56 44.09 15.92
C ARG A 32 21.77 43.59 14.71
N PHE A 33 22.29 43.80 13.50
CA PHE A 33 21.61 43.42 12.29
C PHE A 33 22.28 42.20 11.64
N CYS A 34 21.50 41.48 10.83
CA CYS A 34 22.04 40.29 10.11
C CYS A 34 22.97 40.76 8.98
N ASP A 35 23.44 39.82 8.16
CA ASP A 35 24.43 40.20 7.12
C ASP A 35 24.02 39.61 5.77
N ASN A 36 23.11 40.28 5.05
CA ASN A 36 22.71 39.82 3.69
C ASN A 36 23.07 38.35 3.49
N ARG A 37 22.46 37.44 4.25
CA ARG A 37 22.75 36.02 4.01
C ARG A 37 21.42 35.31 3.82
N ILE A 38 21.14 34.93 2.57
CA ILE A 38 19.87 34.27 2.24
C ILE A 38 20.07 32.76 2.28
N VAL A 39 19.25 32.09 3.09
CA VAL A 39 19.26 30.63 3.18
C VAL A 39 17.83 30.16 2.93
N SER A 40 17.65 29.38 1.88
CA SER A 40 16.35 28.78 1.57
C SER A 40 16.30 27.29 1.90
N SER A 41 17.43 26.72 2.28
CA SER A 41 17.51 25.27 2.55
C SER A 41 16.99 24.92 3.94
N LYS A 42 17.08 23.64 4.31
CA LYS A 42 16.58 23.19 5.64
C LYS A 42 17.61 22.22 6.26
N TYR A 43 18.18 21.34 5.44
CA TYR A 43 19.21 20.40 5.96
C TYR A 43 20.59 21.03 5.79
N THR A 44 21.57 20.59 6.59
CA THR A 44 22.95 21.09 6.44
C THR A 44 23.77 20.06 5.71
N LEU A 45 25.06 19.94 6.03
CA LEU A 45 25.94 19.01 5.27
C LEU A 45 26.39 17.89 6.23
N TRP A 46 25.84 17.87 7.44
CA TRP A 46 26.22 16.83 8.43
C TRP A 46 24.96 16.39 9.15
N ASN A 47 24.22 17.35 9.71
CA ASN A 47 23.00 17.01 10.47
C ASN A 47 21.95 16.42 9.54
N PHE A 48 22.29 16.24 8.25
CA PHE A 48 21.19 15.82 7.38
C PHE A 48 20.66 14.45 7.76
N LEU A 49 21.55 13.48 8.04
CA LEU A 49 21.09 12.12 8.31
C LEU A 49 20.25 12.03 9.58
N PRO A 50 20.69 12.53 10.74
CA PRO A 50 19.84 12.42 11.94
C PRO A 50 18.51 13.12 11.81
N LYS A 51 18.46 14.25 11.10
CA LYS A 51 17.21 14.97 10.92
C LYS A 51 16.27 14.27 9.96
N ASN A 52 16.78 13.77 8.83
CA ASN A 52 15.94 13.07 7.87
C ASN A 52 15.40 11.76 8.45
N LEU A 53 16.24 11.01 9.16
CA LEU A 53 15.75 9.79 9.78
C LEU A 53 14.72 10.06 10.87
N PHE A 54 14.90 11.11 11.67
CA PHE A 54 13.89 11.49 12.65
C PHE A 54 12.59 11.92 11.99
N GLU A 55 12.67 12.65 10.88
CA GLU A 55 11.46 13.07 10.17
C GLU A 55 10.75 11.90 9.50
N GLN A 56 11.48 10.88 9.07
CA GLN A 56 10.87 9.74 8.40
C GLN A 56 10.28 8.73 9.39
N PHE A 57 11.04 8.41 10.44
CA PHE A 57 10.62 7.38 11.38
C PHE A 57 9.57 7.86 12.37
N ARG A 58 9.15 9.12 12.29
CA ARG A 58 8.04 9.61 13.08
C ARG A 58 6.70 9.13 12.57
N ARG A 59 6.64 8.68 11.32
CA ARG A 59 5.39 8.21 10.75
C ARG A 59 5.02 6.83 11.30
N ILE A 60 3.70 6.61 11.43
CA ILE A 60 3.20 5.39 12.03
C ILE A 60 3.58 4.16 11.22
N ALA A 61 3.48 4.21 9.90
CA ALA A 61 3.82 3.05 9.08
C ALA A 61 5.29 2.69 9.20
N ASN A 62 6.17 3.69 9.09
CA ASN A 62 7.60 3.45 9.18
C ASN A 62 8.01 2.99 10.58
N PHE A 63 7.29 3.43 11.59
CA PHE A 63 7.62 2.93 12.94
C PHE A 63 7.20 1.48 13.00
N TYR A 64 5.96 1.22 12.57
CA TYR A 64 5.42 -0.17 12.67
C TYR A 64 6.36 -1.13 11.99
N PHE A 65 6.66 -0.91 10.70
CA PHE A 65 7.51 -1.89 9.98
C PHE A 65 8.73 -2.19 10.82
N LEU A 66 9.36 -1.15 11.36
CA LEU A 66 10.60 -1.34 12.17
C LEU A 66 10.25 -2.26 13.34
N ILE A 67 9.26 -1.85 14.13
CA ILE A 67 8.88 -2.67 15.29
C ILE A 67 8.69 -4.13 14.88
N ILE A 68 8.00 -4.37 13.77
CA ILE A 68 7.78 -5.73 13.30
C ILE A 68 9.11 -6.40 12.94
N PHE A 69 10.01 -5.69 12.25
CA PHE A 69 11.30 -6.27 11.91
C PHE A 69 12.11 -6.61 13.16
N LEU A 70 12.15 -5.70 14.14
CA LEU A 70 12.89 -5.98 15.37
C LEU A 70 12.30 -7.16 16.13
N VAL A 71 10.97 -7.24 16.22
CA VAL A 71 10.35 -8.34 16.96
C VAL A 71 10.59 -9.67 16.25
N GLN A 72 10.52 -9.66 14.91
CA GLN A 72 10.79 -10.89 14.15
C GLN A 72 12.23 -11.33 14.33
N VAL A 73 13.18 -10.39 14.33
CA VAL A 73 14.57 -10.74 14.58
C VAL A 73 14.80 -11.27 15.98
N THR A 74 14.18 -10.65 17.00
CA THR A 74 14.44 -10.96 18.40
C THR A 74 13.74 -12.23 18.87
N VAL A 75 12.44 -12.37 18.64
CA VAL A 75 11.68 -13.45 19.26
C VAL A 75 11.54 -14.62 18.30
N ASP A 76 10.88 -14.39 17.15
CA ASP A 76 10.61 -15.48 16.21
C ASP A 76 10.05 -14.95 14.90
N THR A 77 10.32 -15.67 13.81
CA THR A 77 9.79 -15.35 12.49
C THR A 77 9.33 -16.63 11.81
N PRO A 78 8.26 -16.57 11.01
CA PRO A 78 7.79 -17.78 10.33
C PRO A 78 8.58 -18.10 9.07
N THR A 79 9.00 -17.07 8.32
CA THR A 79 9.72 -17.30 7.07
C THR A 79 11.16 -16.80 7.12
N SER A 80 11.38 -15.50 7.35
CA SER A 80 12.72 -14.94 7.35
C SER A 80 12.70 -13.48 7.78
N PRO A 81 13.74 -12.99 8.46
CA PRO A 81 13.83 -11.55 8.75
C PRO A 81 14.24 -10.71 7.57
N VAL A 82 14.90 -11.29 6.56
CA VAL A 82 15.36 -10.52 5.41
C VAL A 82 14.21 -9.94 4.60
N THR A 83 13.15 -10.71 4.36
CA THR A 83 12.00 -10.26 3.60
C THR A 83 11.26 -9.11 4.29
N SER A 84 11.48 -8.92 5.59
CA SER A 84 10.90 -7.80 6.32
C SER A 84 11.87 -6.66 6.57
N GLY A 85 13.18 -6.91 6.45
CA GLY A 85 14.17 -5.89 6.69
C GLY A 85 14.65 -5.19 5.44
N LEU A 86 14.61 -5.87 4.29
CA LEU A 86 15.12 -5.27 3.07
C LEU A 86 14.18 -4.22 2.48
N PRO A 87 12.89 -4.49 2.24
CA PRO A 87 12.04 -3.46 1.61
C PRO A 87 11.91 -2.19 2.43
N LEU A 88 11.92 -2.30 3.77
CA LEU A 88 11.90 -1.09 4.59
C LEU A 88 13.15 -0.24 4.36
N PHE A 89 14.31 -0.88 4.27
CA PHE A 89 15.54 -0.16 3.97
C PHE A 89 15.48 0.50 2.60
N PHE A 90 14.95 -0.22 1.60
CA PHE A 90 14.82 0.37 0.27
C PHE A 90 13.90 1.58 0.28
N VAL A 91 12.76 1.48 0.98
CA VAL A 91 11.84 2.59 1.08
C VAL A 91 12.46 3.80 1.78
N ILE A 92 13.20 3.57 2.86
CA ILE A 92 13.88 4.68 3.55
C ILE A 92 14.90 5.32 2.63
N THR A 93 15.70 4.49 1.93
CA THR A 93 16.77 5.01 1.10
C THR A 93 16.25 5.85 -0.06
N VAL A 94 15.18 5.39 -0.72
CA VAL A 94 14.68 6.14 -1.87
C VAL A 94 14.20 7.53 -1.46
N THR A 95 13.40 7.62 -0.40
CA THR A 95 12.92 8.91 0.09
C THR A 95 14.04 9.79 0.59
N ALA A 96 15.03 9.22 1.30
CA ALA A 96 16.18 10.00 1.72
C ALA A 96 16.95 10.57 0.55
N ILE A 97 17.19 9.79 -0.50
CA ILE A 97 17.87 10.30 -1.68
C ILE A 97 17.06 11.42 -2.33
N LYS A 98 15.75 11.23 -2.45
CA LYS A 98 14.91 12.26 -3.07
C LYS A 98 15.02 13.59 -2.30
N GLN A 99 14.84 13.53 -0.98
CA GLN A 99 14.89 14.75 -0.17
C GLN A 99 16.28 15.38 -0.20
N GLY A 100 17.34 14.57 -0.10
CA GLY A 100 18.68 15.12 -0.16
C GLY A 100 18.98 15.81 -1.47
N TYR A 101 18.56 15.23 -2.59
CA TYR A 101 18.80 15.87 -3.88
C TYR A 101 17.98 17.15 -4.01
N GLU A 102 16.71 17.13 -3.60
CA GLU A 102 15.89 18.33 -3.73
C GLU A 102 16.35 19.44 -2.80
N ASP A 103 17.06 19.11 -1.72
CA ASP A 103 17.65 20.13 -0.86
C ASP A 103 19.00 20.61 -1.37
N TRP A 104 19.80 19.73 -1.97
CA TRP A 104 21.05 20.15 -2.57
C TRP A 104 20.82 21.08 -3.75
N LEU A 105 19.72 20.88 -4.47
CA LEU A 105 19.36 21.84 -5.52
C LEU A 105 19.10 23.23 -4.96
N ARG A 106 18.40 23.34 -3.84
CA ARG A 106 18.20 24.63 -3.21
C ARG A 106 19.50 25.22 -2.69
N HIS A 107 20.39 24.39 -2.15
CA HIS A 107 21.71 24.86 -1.76
C HIS A 107 22.45 25.47 -2.94
N ARG A 108 22.45 24.76 -4.07
CA ARG A 108 23.11 25.27 -5.28
C ARG A 108 22.49 26.56 -5.77
N ALA A 109 21.15 26.65 -5.75
CA ALA A 109 20.48 27.89 -6.15
C ALA A 109 20.81 29.06 -5.23
N ASP A 110 20.85 28.82 -3.91
CA ASP A 110 21.24 29.88 -2.99
C ASP A 110 22.69 30.29 -3.19
N ASN A 111 23.55 29.34 -3.58
CA ASN A 111 24.94 29.68 -3.83
C ASN A 111 25.09 30.66 -4.99
N GLU A 112 24.17 30.63 -5.95
CA GLU A 112 24.18 31.60 -7.04
C GLU A 112 23.75 32.99 -6.59
N VAL A 113 22.68 33.09 -5.81
CA VAL A 113 22.23 34.39 -5.30
C VAL A 113 23.27 35.01 -4.38
N ASN A 114 23.84 34.23 -3.47
CA ASN A 114 25.00 34.65 -2.71
C ASN A 114 26.23 34.55 -3.62
N LYS A 115 27.39 34.93 -3.08
CA LYS A 115 28.65 34.89 -3.83
C LYS A 115 28.56 35.66 -5.14
N SER A 116 27.87 36.80 -5.15
CA SER A 116 27.85 37.68 -6.31
C SER A 116 28.78 38.86 -6.09
N THR A 117 28.99 39.62 -7.16
CA THR A 117 29.91 40.76 -7.12
C THR A 117 29.14 42.07 -6.95
N VAL A 118 29.57 42.88 -5.99
CA VAL A 118 29.02 44.21 -5.76
C VAL A 118 30.18 45.15 -5.48
N TYR A 119 29.97 46.45 -5.68
CA TYR A 119 31.04 47.42 -5.50
C TYR A 119 30.71 48.34 -4.33
N ILE A 120 31.62 48.44 -3.37
CA ILE A 120 31.40 49.21 -2.15
C ILE A 120 32.49 50.27 -2.03
N ILE A 121 32.08 51.49 -1.71
CA ILE A 121 33.00 52.58 -1.41
C ILE A 121 33.20 52.57 0.10
N GLU A 122 34.17 51.77 0.55
CA GLU A 122 34.44 51.64 1.98
C GLU A 122 35.24 52.83 2.51
N ASN A 123 36.42 53.06 1.95
CA ASN A 123 37.29 54.18 2.36
C ASN A 123 37.83 54.85 1.12
N ALA A 124 37.05 55.79 0.57
CA ALA A 124 37.45 56.65 -0.55
C ALA A 124 37.99 55.85 -1.74
N LYS A 125 37.59 54.58 -1.87
CA LYS A 125 38.06 53.76 -2.98
C LYS A 125 36.99 52.73 -3.29
N ARG A 126 36.92 52.35 -4.56
CA ARG A 126 35.89 51.44 -5.06
C ARG A 126 36.28 50.02 -4.67
N VAL A 127 36.03 49.69 -3.40
CA VAL A 127 36.31 48.33 -2.92
C VAL A 127 35.29 47.36 -3.53
N ARG A 128 35.77 46.17 -3.87
CA ARG A 128 34.88 45.11 -4.32
C ARG A 128 34.89 44.03 -3.24
N LYS A 129 33.71 43.69 -2.76
CA LYS A 129 33.51 42.61 -1.80
C LYS A 129 32.59 41.57 -2.41
N GLU A 130 32.20 40.59 -1.62
CA GLU A 130 31.26 39.58 -2.08
C GLU A 130 29.86 39.99 -1.64
N SER A 131 28.86 39.53 -2.40
CA SER A 131 27.51 40.03 -2.18
C SER A 131 27.00 39.69 -0.78
N GLU A 132 27.36 38.52 -0.27
CA GLU A 132 26.84 38.04 1.02
C GLU A 132 27.52 38.69 2.21
N LYS A 133 28.43 39.64 2.00
CA LYS A 133 29.16 40.28 3.10
C LYS A 133 28.72 41.73 3.32
N ILE A 134 27.52 42.08 2.87
CA ILE A 134 27.02 43.44 3.03
C ILE A 134 26.60 43.67 4.47
N LYS A 135 27.05 44.78 5.03
CA LYS A 135 26.65 45.21 6.37
C LYS A 135 25.92 46.54 6.25
N VAL A 136 24.93 46.73 7.13
CA VAL A 136 24.04 47.90 7.03
C VAL A 136 24.84 49.19 7.18
N GLY A 137 24.50 50.18 6.37
CA GLY A 137 25.08 51.50 6.51
C GLY A 137 26.37 51.71 5.76
N ASP A 138 26.39 51.37 4.48
CA ASP A 138 27.54 51.66 3.64
C ASP A 138 27.02 52.05 2.27
N VAL A 139 27.57 53.11 1.69
CA VAL A 139 27.10 53.55 0.38
C VAL A 139 27.59 52.57 -0.68
N VAL A 140 26.69 52.18 -1.57
CA VAL A 140 26.99 51.16 -2.57
C VAL A 140 26.66 51.70 -3.95
N GLU A 141 27.36 51.19 -4.95
CA GLU A 141 27.22 51.66 -6.33
C GLU A 141 26.87 50.49 -7.23
N VAL A 142 25.86 50.67 -8.07
CA VAL A 142 25.41 49.67 -9.03
C VAL A 142 25.32 50.33 -10.40
N GLN A 143 25.79 49.64 -11.42
CA GLN A 143 25.79 50.17 -12.78
C GLN A 143 24.45 49.87 -13.46
N ALA A 144 24.38 50.17 -14.76
CA ALA A 144 23.16 49.93 -15.51
C ALA A 144 22.88 48.44 -15.62
N ASP A 145 21.60 48.07 -15.58
CA ASP A 145 21.13 46.70 -15.71
C ASP A 145 21.73 45.76 -14.67
N GLU A 146 21.96 46.25 -13.45
CA GLU A 146 22.48 45.46 -12.36
C GLU A 146 21.44 45.35 -11.26
N THR A 147 21.16 44.13 -10.82
CA THR A 147 20.20 43.93 -9.74
C THR A 147 20.73 44.52 -8.44
N PHE A 148 19.84 45.17 -7.69
CA PHE A 148 20.28 45.74 -6.42
C PHE A 148 20.59 44.63 -5.41
N PRO A 149 21.62 44.81 -4.58
CA PRO A 149 21.98 43.76 -3.62
C PRO A 149 21.13 43.76 -2.36
N CYS A 150 20.46 44.86 -2.04
CA CYS A 150 19.68 44.97 -0.81
C CYS A 150 18.75 46.18 -0.94
N ASP A 151 18.09 46.53 0.16
CA ASP A 151 17.16 47.65 0.20
C ASP A 151 17.96 48.95 0.27
N LEU A 152 18.06 49.64 -0.86
CA LEU A 152 18.84 50.86 -0.93
C LEU A 152 17.96 52.08 -0.68
N ILE A 153 18.59 53.18 -0.29
CA ILE A 153 17.93 54.48 -0.21
C ILE A 153 18.71 55.44 -1.10
N LEU A 154 18.03 56.02 -2.08
CA LEU A 154 18.72 56.82 -3.10
C LEU A 154 19.32 58.07 -2.49
N LEU A 155 20.64 58.23 -2.66
CA LEU A 155 21.34 59.42 -2.22
C LEU A 155 21.59 60.42 -3.33
N SER A 156 21.95 59.97 -4.51
CA SER A 156 22.24 60.85 -5.64
C SER A 156 22.24 60.01 -6.91
N SER A 157 22.54 60.66 -8.03
CA SER A 157 22.59 59.99 -9.33
C SER A 157 23.61 60.69 -10.20
N CYS A 158 24.03 60.02 -11.26
CA CYS A 158 25.00 60.61 -12.20
C CYS A 158 24.44 61.86 -12.84
N THR A 159 23.19 61.82 -13.27
CA THR A 159 22.55 62.98 -13.86
C THR A 159 21.85 63.81 -12.79
N THR A 160 21.33 64.96 -13.22
CA THR A 160 20.63 65.85 -12.31
C THR A 160 19.19 65.36 -12.13
N ASP A 161 18.38 66.15 -11.42
CA ASP A 161 16.97 65.93 -11.08
C ASP A 161 16.80 64.78 -10.08
N GLY A 162 17.86 64.05 -9.74
CA GLY A 162 17.78 62.99 -8.76
C GLY A 162 16.77 61.91 -9.07
N THR A 163 16.72 61.46 -10.33
CA THR A 163 15.75 60.47 -10.77
C THR A 163 16.46 59.21 -11.26
N CYS A 164 15.69 58.12 -11.30
CA CYS A 164 16.17 56.85 -11.82
C CYS A 164 14.97 56.05 -12.32
N TYR A 165 15.20 55.18 -13.29
CA TYR A 165 14.15 54.34 -13.87
C TYR A 165 14.40 52.91 -13.43
N VAL A 166 13.53 52.40 -12.56
CA VAL A 166 13.67 51.06 -12.01
C VAL A 166 12.44 50.25 -12.39
N THR A 167 12.67 49.05 -12.94
CA THR A 167 11.61 48.13 -13.27
C THR A 167 11.69 46.93 -12.33
N THR A 168 10.56 46.59 -11.71
CA THR A 168 10.50 45.46 -10.78
C THR A 168 9.88 44.25 -11.46
N ALA A 169 10.67 43.59 -12.30
CA ALA A 169 10.23 42.40 -12.98
C ALA A 169 10.10 41.20 -12.04
N SER A 170 10.64 41.28 -10.83
CA SER A 170 10.62 40.18 -9.89
C SER A 170 9.78 40.47 -8.65
N LEU A 171 9.02 41.56 -8.64
CA LEU A 171 8.21 41.92 -7.49
C LEU A 171 6.72 42.01 -7.79
N ASP A 172 6.34 42.58 -8.92
CA ASP A 172 4.93 42.67 -9.30
C ASP A 172 4.63 41.96 -10.62
N GLY A 173 5.63 41.46 -11.33
CA GLY A 173 5.42 40.68 -12.53
C GLY A 173 5.44 41.46 -13.83
N GLU A 174 5.28 42.78 -13.79
CA GLU A 174 5.28 43.57 -15.01
C GLU A 174 6.65 44.19 -15.25
N SER A 175 6.76 44.97 -16.33
CA SER A 175 8.02 45.59 -16.70
C SER A 175 7.83 47.06 -17.07
N ASN A 176 6.91 47.76 -16.39
CA ASN A 176 6.72 49.18 -16.60
C ASN A 176 7.79 49.97 -15.83
N CYS A 177 8.18 51.10 -16.41
CA CYS A 177 9.28 51.90 -15.88
C CYS A 177 8.77 52.78 -14.75
N LYS A 178 9.06 52.39 -13.51
CA LYS A 178 8.76 53.23 -12.38
C LYS A 178 9.85 54.30 -12.20
N THR A 179 9.56 55.26 -11.33
CA THR A 179 10.48 56.37 -11.10
C THR A 179 10.65 56.60 -9.60
N HIS A 180 11.87 56.92 -9.20
CA HIS A 180 12.19 57.25 -7.82
C HIS A 180 12.96 58.56 -7.77
N TYR A 181 12.87 59.23 -6.63
CA TYR A 181 13.46 60.56 -6.46
C TYR A 181 14.52 60.52 -5.37
N ALA A 182 15.64 61.17 -5.62
CA ALA A 182 16.74 61.19 -4.66
C ALA A 182 16.50 62.25 -3.58
N VAL A 183 17.40 62.26 -2.59
CA VAL A 183 17.31 63.26 -1.53
C VAL A 183 17.79 64.60 -2.06
N ARG A 184 16.99 65.64 -1.83
CA ARG A 184 17.29 66.96 -2.38
C ARG A 184 18.60 67.51 -1.85
N ASP A 185 18.86 67.31 -0.55
CA ASP A 185 20.09 67.81 0.04
C ASP A 185 21.32 67.07 -0.45
N THR A 186 21.15 65.95 -1.15
CA THR A 186 22.26 65.07 -1.48
C THR A 186 22.39 64.78 -2.98
N ILE A 187 21.52 65.35 -3.82
CA ILE A 187 21.64 65.12 -5.26
C ILE A 187 23.01 65.49 -5.82
N ALA A 188 23.65 66.53 -5.27
CA ALA A 188 24.86 67.07 -5.87
C ALA A 188 26.07 66.15 -5.69
N LEU A 189 26.05 65.29 -4.69
CA LEU A 189 27.21 64.44 -4.39
C LEU A 189 27.31 63.33 -5.43
N CYS A 190 28.16 63.52 -6.43
CA CYS A 190 28.36 62.55 -7.51
C CYS A 190 29.86 62.30 -7.66
N THR A 191 30.34 61.23 -7.03
CA THR A 191 31.73 60.77 -7.07
C THR A 191 32.72 61.82 -6.58
N ALA A 192 32.24 62.93 -6.03
CA ALA A 192 33.09 64.03 -5.56
C ALA A 192 33.00 64.07 -4.04
N GLU A 193 33.91 63.34 -3.39
CA GLU A 193 33.97 63.29 -1.92
C GLU A 193 32.63 62.89 -1.31
N SER A 194 32.01 61.82 -1.84
CA SER A 194 30.77 61.34 -1.27
C SER A 194 30.96 60.68 0.09
N ILE A 195 32.21 60.48 0.51
CA ILE A 195 32.52 59.77 1.74
C ILE A 195 33.22 60.76 2.68
N ASP A 196 32.82 62.03 2.61
CA ASP A 196 33.47 63.04 3.43
C ASP A 196 32.96 63.01 4.87
N THR A 197 32.96 61.81 5.46
CA THR A 197 32.34 61.57 6.76
C THR A 197 30.95 62.19 6.78
N LEU A 198 30.12 61.85 5.81
CA LEU A 198 28.81 62.45 5.63
C LEU A 198 27.94 62.18 6.86
N ARG A 199 27.65 63.23 7.63
CA ARG A 199 26.92 63.08 8.88
C ARG A 199 25.43 63.01 8.59
N ALA A 200 24.84 61.81 8.75
CA ALA A 200 23.42 61.63 8.56
C ALA A 200 22.98 60.42 9.36
N ALA A 201 21.70 60.40 9.71
CA ALA A 201 21.13 59.30 10.50
C ALA A 201 19.79 58.94 9.89
N ILE A 202 19.69 57.74 9.33
CA ILE A 202 18.47 57.28 8.67
C ILE A 202 17.63 56.58 9.74
N GLU A 203 16.60 57.27 10.23
CA GLU A 203 15.68 56.69 11.20
C GLU A 203 14.50 56.11 10.45
N CYS A 204 14.34 54.79 10.52
CA CYS A 204 13.37 54.07 9.70
C CYS A 204 12.39 53.30 10.56
N GLU A 205 11.41 52.72 9.90
CA GLU A 205 10.42 51.83 10.51
C GLU A 205 10.90 50.38 10.41
N GLN A 206 10.42 49.56 11.33
CA GLN A 206 10.75 48.13 11.29
C GLN A 206 10.23 47.52 9.99
N PRO A 207 10.97 46.57 9.42
CA PRO A 207 10.59 46.02 8.11
C PRO A 207 9.22 45.34 8.16
N GLN A 208 8.46 45.51 7.10
CA GLN A 208 7.13 44.94 6.94
C GLN A 208 6.93 44.52 5.49
N PRO A 209 6.06 43.54 5.25
CA PRO A 209 5.81 43.06 3.88
C PRO A 209 4.81 43.88 3.08
N ASP A 210 4.50 45.11 3.50
CA ASP A 210 3.48 45.90 2.82
C ASP A 210 3.88 46.21 1.38
N LEU A 211 5.17 46.48 1.15
CA LEU A 211 5.75 46.64 -0.19
C LEU A 211 5.36 47.96 -0.84
N TYR A 212 4.46 48.71 -0.20
CA TYR A 212 4.02 49.99 -0.73
C TYR A 212 3.95 51.10 0.32
N LYS A 213 4.24 50.81 1.59
CA LYS A 213 4.20 51.80 2.65
C LYS A 213 5.58 51.94 3.26
N PHE A 214 5.98 53.17 3.55
CA PHE A 214 7.30 53.43 4.12
C PHE A 214 7.26 54.77 4.84
N VAL A 215 7.60 54.76 6.12
CA VAL A 215 7.74 55.99 6.90
C VAL A 215 9.18 56.06 7.41
N GLY A 216 9.77 57.25 7.32
CA GLY A 216 11.15 57.43 7.74
C GLY A 216 11.57 58.88 7.73
N ARG A 217 12.83 59.15 8.08
CA ARG A 217 13.33 60.52 8.12
C ARG A 217 14.84 60.50 8.06
N ILE A 218 15.42 61.56 7.50
CA ILE A 218 16.86 61.71 7.37
C ILE A 218 17.30 62.81 8.32
N ASN A 219 18.54 62.67 8.82
CA ASN A 219 19.12 63.61 9.76
C ASN A 219 20.44 64.14 9.24
N ILE A 220 20.45 64.57 7.98
CA ILE A 220 21.63 65.07 7.30
C ILE A 220 22.15 66.31 8.05
N TYR A 221 23.46 66.37 8.26
CA TYR A 221 24.10 67.51 8.89
C TYR A 221 24.87 68.31 7.86
N SER A 222 25.36 69.47 8.29
CA SER A 222 26.18 70.35 7.45
C SER A 222 27.63 70.28 7.91
N ASN A 223 28.46 71.14 7.30
CA ASN A 223 29.87 71.19 7.68
C ASN A 223 30.04 71.56 9.14
N SER A 224 29.29 72.57 9.61
CA SER A 224 29.34 72.96 11.01
C SER A 224 28.22 72.30 11.81
N LEU A 225 26.98 72.58 11.46
CA LEU A 225 25.82 72.02 12.16
C LEU A 225 24.54 72.27 11.37
N GLU A 226 23.70 71.23 11.24
CA GLU A 226 22.41 71.36 10.58
C GLU A 226 21.43 70.37 11.19
N ALA A 227 20.14 70.66 11.02
CA ALA A 227 19.10 69.79 11.55
C ALA A 227 17.94 69.61 10.56
N VAL A 228 18.17 69.87 9.27
CA VAL A 228 17.11 69.72 8.28
C VAL A 228 16.77 68.24 8.15
N ALA A 229 15.47 67.93 8.24
CA ALA A 229 14.99 66.55 8.19
C ALA A 229 13.87 66.46 7.17
N ARG A 230 14.07 65.65 6.13
CA ARG A 230 13.06 65.41 5.11
C ARG A 230 12.47 64.03 5.29
N SER A 231 11.14 63.95 5.26
CA SER A 231 10.47 62.67 5.43
C SER A 231 10.78 61.73 4.28
N LEU A 232 10.83 60.44 4.59
CA LEU A 232 11.12 59.40 3.61
C LEU A 232 9.86 58.59 3.34
N GLY A 233 9.58 58.34 2.06
CA GLY A 233 8.41 57.61 1.66
C GLY A 233 8.73 56.50 0.67
N PRO A 234 7.69 55.90 0.09
CA PRO A 234 7.91 54.80 -0.86
C PRO A 234 8.59 55.25 -2.15
N GLU A 235 8.67 56.57 -2.37
CA GLU A 235 9.36 57.07 -3.56
C GLU A 235 10.87 57.08 -3.41
N ASN A 236 11.40 56.76 -2.24
CA ASN A 236 12.83 56.75 -2.01
C ASN A 236 13.41 55.37 -1.80
N LEU A 237 12.62 54.41 -1.32
CA LEU A 237 13.10 53.05 -1.12
C LEU A 237 13.44 52.41 -2.46
N LEU A 238 14.61 51.81 -2.55
CA LEU A 238 15.03 51.08 -3.75
C LEU A 238 15.03 49.60 -3.41
N LEU A 239 13.98 48.89 -3.83
CA LEU A 239 13.74 47.54 -3.36
C LEU A 239 14.76 46.57 -3.94
N LYS A 240 14.93 45.45 -3.24
CA LYS A 240 15.85 44.40 -3.65
C LYS A 240 15.20 43.51 -4.70
N GLY A 241 15.99 43.17 -5.73
CA GLY A 241 15.48 42.33 -6.79
C GLY A 241 14.81 43.06 -7.93
N ALA A 242 15.07 44.35 -8.08
CA ALA A 242 14.52 45.16 -9.16
C ALA A 242 15.68 45.68 -10.00
N THR A 243 15.69 45.35 -11.28
CA THR A 243 16.78 45.77 -12.16
C THR A 243 16.70 47.27 -12.43
N LEU A 244 17.86 47.89 -12.59
CA LEU A 244 17.96 49.31 -12.89
C LEU A 244 18.03 49.52 -14.39
N LYS A 245 17.33 50.54 -14.88
CA LYS A 245 17.22 50.79 -16.31
C LYS A 245 17.46 52.26 -16.62
N ASN A 246 18.12 52.50 -17.75
CA ASN A 246 18.29 53.85 -18.31
C ASN A 246 18.96 54.81 -17.33
N THR A 247 19.93 54.32 -16.58
CA THR A 247 20.72 55.16 -15.68
C THR A 247 22.13 54.61 -15.63
N GLU A 248 23.13 55.51 -15.75
CA GLU A 248 24.51 55.07 -15.79
C GLU A 248 24.94 54.49 -14.43
N LYS A 249 24.69 55.22 -13.36
CA LYS A 249 25.11 54.79 -12.03
C LYS A 249 24.39 55.62 -10.97
N ILE A 250 24.12 54.99 -9.84
CA ILE A 250 23.46 55.62 -8.71
C ILE A 250 24.25 55.32 -7.44
N TYR A 251 23.81 55.91 -6.33
CA TYR A 251 24.44 55.70 -5.04
C TYR A 251 23.36 55.56 -3.98
N GLY A 252 23.37 54.44 -3.27
CA GLY A 252 22.38 54.20 -2.23
C GLY A 252 22.98 53.76 -0.91
N VAL A 253 22.15 53.65 0.12
CA VAL A 253 22.59 53.23 1.45
C VAL A 253 21.73 52.04 1.87
N ALA A 254 22.38 50.93 2.19
CA ALA A 254 21.65 49.73 2.62
C ALA A 254 21.03 49.95 3.99
N VAL A 255 19.75 49.61 4.12
CA VAL A 255 19.03 49.71 5.38
C VAL A 255 18.57 48.34 5.88
N TYR A 256 18.09 47.50 4.98
CA TYR A 256 17.72 46.12 5.31
C TYR A 256 18.55 45.19 4.43
N THR A 257 19.16 44.18 5.05
CA THR A 257 20.11 43.30 4.37
C THR A 257 19.90 41.86 4.82
N GLY A 258 19.11 41.11 4.05
CA GLY A 258 19.02 39.67 4.24
C GLY A 258 18.00 39.24 5.27
N MET A 259 17.04 38.42 4.85
CA MET A 259 16.00 37.87 5.74
C MET A 259 15.15 38.97 6.34
N GLU A 260 15.40 40.22 5.94
CA GLU A 260 14.62 41.36 6.39
C GLU A 260 14.21 42.29 5.26
N THR A 261 14.74 42.10 4.05
CA THR A 261 14.27 42.87 2.90
C THR A 261 12.84 42.50 2.56
N LYS A 262 12.13 43.44 1.92
CA LYS A 262 10.75 43.17 1.53
C LYS A 262 10.65 42.04 0.52
N MET A 263 11.71 41.78 -0.24
CA MET A 263 11.72 40.61 -1.12
C MET A 263 11.90 39.31 -0.34
N ALA A 264 12.80 39.29 0.64
CA ALA A 264 13.07 38.10 1.41
C ALA A 264 12.00 37.78 2.44
N LEU A 265 11.16 38.76 2.80
CA LEU A 265 10.06 38.48 3.73
C LEU A 265 8.93 37.69 3.08
N ASN A 266 8.72 37.84 1.77
CA ASN A 266 7.65 37.16 1.06
C ASN A 266 8.11 35.87 0.41
N TYR A 267 8.67 34.95 1.20
CA TYR A 267 9.08 33.65 0.70
C TYR A 267 8.30 32.51 1.32
N GLN A 268 8.29 32.41 2.66
CA GLN A 268 7.43 31.52 3.42
C GLN A 268 7.87 30.05 3.30
N GLY A 269 8.81 29.77 2.40
CA GLY A 269 9.37 28.44 2.28
C GLY A 269 8.41 27.38 1.80
N LYS A 270 8.87 26.14 1.76
CA LYS A 270 8.07 24.98 1.38
C LYS A 270 8.09 23.98 2.52
N SER A 271 6.90 23.65 3.05
CA SER A 271 6.84 22.72 4.18
C SER A 271 6.87 21.27 3.71
N GLN A 272 5.82 20.83 3.00
CA GLN A 272 5.70 19.48 2.48
C GLN A 272 4.39 19.36 1.71
N LYS A 273 4.30 18.40 0.79
CA LYS A 273 3.08 18.15 0.03
C LYS A 273 2.76 16.67 0.07
N ARG A 274 1.53 16.35 0.47
CA ARG A 274 1.04 14.98 0.53
C ARG A 274 -0.25 14.85 -0.27
N SER A 275 -0.51 13.66 -0.78
CA SER A 275 -1.67 13.43 -1.61
C SER A 275 -2.83 12.85 -0.78
N ALA A 276 -4.05 13.04 -1.31
CA ALA A 276 -5.22 12.44 -0.69
C ALA A 276 -5.14 10.92 -0.69
N VAL A 277 -4.61 10.33 -1.76
CA VAL A 277 -4.38 8.90 -1.77
C VAL A 277 -3.39 8.49 -0.67
N GLU A 278 -2.33 9.27 -0.48
CA GLU A 278 -1.38 8.99 0.58
C GLU A 278 -2.01 9.06 1.96
N LYS A 279 -2.86 10.05 2.22
CA LYS A 279 -3.58 10.11 3.49
C LYS A 279 -4.56 8.95 3.67
N SER A 280 -5.25 8.55 2.60
CA SER A 280 -6.15 7.41 2.69
C SER A 280 -5.39 6.12 2.98
N ILE A 281 -4.17 6.00 2.44
CA ILE A 281 -3.34 4.85 2.76
C ILE A 281 -3.04 4.79 4.25
N ASN A 282 -2.70 5.93 4.85
CA ASN A 282 -2.46 5.97 6.29
C ASN A 282 -3.70 5.63 7.09
N ALA A 283 -4.87 6.12 6.67
CA ALA A 283 -6.10 5.78 7.37
C ALA A 283 -6.39 4.28 7.30
N PHE A 284 -6.20 3.68 6.11
CA PHE A 284 -6.41 2.24 5.97
C PHE A 284 -5.42 1.46 6.81
N LEU A 285 -4.17 1.90 6.88
CA LEU A 285 -3.18 1.27 7.74
C LEU A 285 -3.58 1.35 9.21
N ILE A 286 -4.10 2.50 9.65
CA ILE A 286 -4.56 2.61 11.03
C ILE A 286 -5.72 1.66 11.31
N VAL A 287 -6.66 1.51 10.39
CA VAL A 287 -7.76 0.57 10.60
C VAL A 287 -7.23 -0.87 10.66
N TYR A 288 -6.36 -1.24 9.73
CA TYR A 288 -5.82 -2.60 9.72
C TYR A 288 -4.94 -2.90 10.92
N LEU A 289 -4.31 -1.89 11.50
CA LEU A 289 -3.56 -2.10 12.75
C LEU A 289 -4.47 -2.56 13.87
N PHE A 290 -5.63 -1.91 14.04
CA PHE A 290 -6.62 -2.35 15.01
C PHE A 290 -7.16 -3.74 14.69
N ILE A 291 -7.39 -4.03 13.40
CA ILE A 291 -7.84 -5.38 13.05
C ILE A 291 -6.80 -6.42 13.47
N LEU A 292 -5.53 -6.17 13.18
CA LEU A 292 -4.45 -7.08 13.56
C LEU A 292 -4.35 -7.24 15.07
N LEU A 293 -4.42 -6.15 15.82
CA LEU A 293 -4.38 -6.24 17.27
C LEU A 293 -5.55 -7.03 17.84
N THR A 294 -6.76 -6.83 17.33
CA THR A 294 -7.90 -7.61 17.78
C THR A 294 -7.71 -9.10 17.48
N LYS A 295 -7.23 -9.42 16.27
CA LYS A 295 -6.97 -10.82 15.93
C LYS A 295 -5.97 -11.45 16.89
N ALA A 296 -4.84 -10.78 17.12
CA ALA A 296 -3.81 -11.32 17.99
C ALA A 296 -4.30 -11.49 19.42
N ALA A 297 -5.01 -10.49 19.96
CA ALA A 297 -5.55 -10.59 21.31
C ALA A 297 -6.56 -11.72 21.45
N VAL A 298 -7.49 -11.86 20.50
CA VAL A 298 -8.47 -12.94 20.58
C VAL A 298 -7.76 -14.29 20.51
N CYS A 299 -6.80 -14.44 19.61
CA CYS A 299 -6.08 -15.71 19.50
C CYS A 299 -5.33 -16.06 20.78
N THR A 300 -4.61 -15.10 21.38
CA THR A 300 -3.86 -15.42 22.60
C THR A 300 -4.79 -15.69 23.77
N THR A 301 -5.91 -14.95 23.87
CA THR A 301 -6.86 -15.20 24.95
C THR A 301 -7.46 -16.60 24.84
N LEU A 302 -7.90 -16.99 23.64
CA LEU A 302 -8.45 -18.32 23.45
C LEU A 302 -7.40 -19.40 23.67
N LYS A 303 -6.14 -19.14 23.27
CA LYS A 303 -5.08 -20.10 23.53
C LYS A 303 -4.88 -20.35 25.02
N TYR A 304 -4.76 -19.29 25.82
CA TYR A 304 -4.53 -19.48 27.24
C TYR A 304 -5.77 -19.92 28.00
N VAL A 305 -6.97 -19.74 27.44
CA VAL A 305 -8.13 -20.40 28.01
C VAL A 305 -8.11 -21.89 27.70
N TRP A 306 -7.74 -22.27 26.48
CA TRP A 306 -7.73 -23.67 26.08
C TRP A 306 -6.64 -24.47 26.77
N GLN A 307 -5.52 -23.83 27.14
CA GLN A 307 -4.45 -24.54 27.82
C GLN A 307 -4.73 -24.76 29.31
N SER A 308 -5.88 -24.32 29.81
CA SER A 308 -6.21 -24.52 31.22
C SER A 308 -6.37 -25.99 31.57
N THR A 309 -6.86 -26.81 30.65
CA THR A 309 -7.07 -28.23 30.91
C THR A 309 -5.72 -28.92 31.04
N PRO A 310 -5.51 -29.75 32.06
CA PRO A 310 -4.19 -30.39 32.23
C PRO A 310 -3.77 -31.26 31.06
N TYR A 311 -4.70 -31.96 30.42
CA TYR A 311 -4.35 -32.89 29.34
C TYR A 311 -4.33 -32.24 27.97
N ASN A 312 -4.72 -30.97 27.85
CA ASN A 312 -4.64 -30.29 26.57
C ASN A 312 -3.25 -29.74 26.27
N ASP A 313 -2.39 -29.68 27.28
CA ASP A 313 -0.98 -29.35 27.09
C ASP A 313 -0.14 -30.48 27.65
N GLU A 314 0.89 -30.88 26.90
CA GLU A 314 1.74 -32.01 27.24
C GLU A 314 0.93 -33.29 27.42
N PRO A 315 0.21 -33.76 26.39
CA PRO A 315 -0.61 -34.97 26.51
C PRO A 315 0.16 -36.25 26.18
N TRP A 316 1.34 -36.40 26.76
CA TRP A 316 2.17 -37.60 26.76
C TRP A 316 2.67 -37.99 25.36
N TYR A 317 2.19 -37.34 24.31
CA TYR A 317 2.72 -37.60 22.98
C TYR A 317 3.59 -36.48 22.44
N ASN A 318 3.61 -35.33 23.11
CA ASN A 318 4.61 -34.29 22.86
C ASN A 318 4.76 -33.50 24.15
N GLN A 319 5.99 -33.46 24.67
CA GLN A 319 6.14 -32.82 26.00
C GLN A 319 7.18 -31.69 25.92
N LYS A 320 7.07 -30.70 26.80
CA LYS A 320 7.97 -29.53 26.71
C LYS A 320 9.40 -29.94 27.09
N THR A 321 10.40 -29.28 26.49
CA THR A 321 11.82 -29.62 26.77
C THR A 321 12.24 -29.00 28.07
N GLN A 322 11.39 -29.05 29.10
CA GLN A 322 11.71 -28.51 30.44
C GLN A 322 11.83 -26.97 30.37
N LYS A 323 12.58 -26.43 29.40
CA LYS A 323 12.66 -24.96 29.25
C LYS A 323 11.23 -24.38 29.17
N GLU A 324 10.46 -24.77 28.15
CA GLU A 324 9.10 -24.27 28.02
C GLU A 324 8.30 -24.40 29.31
N ARG A 325 8.73 -25.27 30.23
CA ARG A 325 8.12 -25.32 31.56
C ARG A 325 8.77 -24.34 32.52
N GLU A 326 10.10 -24.18 32.44
CA GLU A 326 10.81 -23.30 33.35
C GLU A 326 10.72 -21.83 32.98
N THR A 327 10.21 -21.52 31.79
CA THR A 327 10.04 -20.13 31.38
C THR A 327 8.98 -19.46 32.25
N LEU A 328 9.15 -18.15 32.46
CA LEU A 328 8.23 -17.41 33.30
C LEU A 328 6.87 -17.30 32.62
N LYS A 329 5.81 -17.58 33.40
CA LYS A 329 4.45 -17.55 32.86
C LYS A 329 4.11 -16.17 32.35
N VAL A 330 4.43 -15.14 33.12
CA VAL A 330 4.14 -13.76 32.73
C VAL A 330 4.80 -13.37 31.42
N LEU A 331 6.08 -13.72 31.22
CA LEU A 331 6.74 -13.48 29.94
C LEU A 331 6.14 -14.32 28.83
N LYS A 332 5.56 -15.49 29.16
CA LYS A 332 5.01 -16.37 28.12
C LYS A 332 3.85 -15.75 27.34
N MET A 333 2.89 -15.11 28.00
CA MET A 333 1.79 -14.51 27.24
C MET A 333 2.30 -13.40 26.32
N PHE A 334 3.24 -12.58 26.80
CA PHE A 334 3.80 -11.52 25.95
C PHE A 334 4.53 -12.09 24.74
N THR A 335 5.32 -13.16 24.95
CA THR A 335 5.98 -13.82 23.82
C THR A 335 4.97 -14.39 22.83
N ASP A 336 3.92 -15.04 23.32
CA ASP A 336 2.91 -15.60 22.43
C ASP A 336 2.18 -14.49 21.66
N PHE A 337 1.92 -13.36 22.33
CA PHE A 337 1.27 -12.24 21.66
C PHE A 337 2.17 -11.69 20.55
N LEU A 338 3.46 -11.55 20.82
CA LEU A 338 4.38 -11.11 19.77
C LEU A 338 4.42 -12.11 18.62
N SER A 339 4.42 -13.41 18.93
CA SER A 339 4.42 -14.43 17.89
C SER A 339 3.16 -14.38 17.02
N PHE A 340 1.99 -14.22 17.62
CA PHE A 340 0.76 -14.07 16.84
C PHE A 340 0.76 -12.80 16.00
N MET A 341 1.25 -11.68 16.55
CA MET A 341 1.36 -10.46 15.77
C MET A 341 2.28 -10.64 14.57
N VAL A 342 3.42 -11.30 14.75
CA VAL A 342 4.31 -11.60 13.63
C VAL A 342 3.64 -12.50 12.61
N LEU A 343 2.93 -13.55 13.06
CA LEU A 343 2.26 -14.48 12.16
C LEU A 343 1.19 -13.80 11.32
N PHE A 344 0.41 -12.90 11.91
CA PHE A 344 -0.66 -12.22 11.20
C PHE A 344 -0.27 -10.84 10.69
N ASN A 345 1.02 -10.48 10.72
CA ASN A 345 1.43 -9.15 10.27
C ASN A 345 1.31 -8.96 8.76
N PHE A 346 1.03 -10.02 8.00
CA PHE A 346 1.02 -9.91 6.54
C PHE A 346 -0.12 -9.07 6.00
N ILE A 347 -1.13 -8.73 6.81
CA ILE A 347 -2.26 -7.97 6.30
C ILE A 347 -1.90 -6.54 5.96
N ILE A 348 -0.74 -6.05 6.41
CA ILE A 348 -0.24 -4.74 6.02
C ILE A 348 1.02 -4.97 5.18
N PRO A 349 0.94 -4.83 3.85
CA PRO A 349 2.05 -5.25 2.99
C PRO A 349 3.07 -4.14 2.79
N VAL A 350 4.34 -4.45 3.04
CA VAL A 350 5.42 -3.55 2.67
C VAL A 350 5.57 -3.50 1.15
N SER A 351 5.15 -4.58 0.49
CA SER A 351 5.20 -4.62 -0.99
C SER A 351 4.45 -3.38 -1.53
N MET A 352 3.32 -3.03 -0.92
CA MET A 352 2.55 -1.88 -1.47
C MET A 352 3.50 -0.69 -1.55
N TYR A 353 4.22 -0.41 -0.47
CA TYR A 353 5.09 0.80 -0.45
C TYR A 353 6.15 0.64 -1.53
N VAL A 354 6.89 -0.46 -1.50
CA VAL A 354 7.96 -0.68 -2.52
C VAL A 354 7.37 -0.50 -3.93
N THR A 355 6.18 -1.04 -4.19
CA THR A 355 5.55 -0.91 -5.52
C THR A 355 5.18 0.53 -5.77
N VAL A 356 4.36 1.15 -4.91
CA VAL A 356 3.90 2.54 -5.21
C VAL A 356 5.13 3.41 -5.52
N GLU A 357 6.30 3.11 -4.94
CA GLU A 357 7.50 3.87 -5.30
C GLU A 357 7.87 3.65 -6.78
N MET A 358 7.91 2.39 -7.22
CA MET A 358 8.21 2.11 -8.62
C MET A 358 7.17 2.70 -9.54
N GLN A 359 5.88 2.61 -9.17
CA GLN A 359 4.83 3.16 -10.00
C GLN A 359 4.96 4.67 -10.15
N LYS A 360 5.21 5.37 -9.05
CA LYS A 360 5.34 6.82 -9.12
C LYS A 360 6.58 7.23 -9.91
N PHE A 361 7.67 6.47 -9.78
CA PHE A 361 8.88 6.81 -10.51
C PHE A 361 8.73 6.55 -12.01
N LEU A 362 8.12 5.43 -12.38
CA LEU A 362 8.08 5.03 -13.78
C LEU A 362 6.95 5.71 -14.55
N GLY A 363 5.81 5.93 -13.90
CA GLY A 363 4.67 6.51 -14.59
C GLY A 363 4.81 7.98 -14.91
N SER A 364 5.71 8.68 -14.22
CA SER A 364 5.91 10.09 -14.49
C SER A 364 6.60 10.35 -15.83
N PHE A 365 7.14 9.32 -16.47
CA PHE A 365 7.81 9.48 -17.75
C PHE A 365 6.85 9.81 -18.89
N PHE A 366 5.59 9.43 -18.77
CA PHE A 366 4.62 9.69 -19.85
C PHE A 366 4.38 11.18 -20.07
N ILE A 367 4.39 11.99 -19.01
CA ILE A 367 4.20 13.42 -19.16
C ILE A 367 5.34 14.02 -19.99
N SER A 368 6.58 13.62 -19.69
CA SER A 368 7.72 14.10 -20.48
C SER A 368 7.66 13.56 -21.90
N TRP A 369 7.25 12.31 -22.07
CA TRP A 369 7.24 11.68 -23.39
C TRP A 369 6.14 12.23 -24.30
N ASP A 370 5.06 12.76 -23.72
CA ASP A 370 3.91 13.17 -24.51
C ASP A 370 4.29 14.24 -25.53
N LYS A 371 3.82 14.05 -26.77
CA LYS A 371 4.13 14.97 -27.85
C LYS A 371 3.24 16.20 -27.87
N ASP A 372 2.13 16.19 -27.13
CA ASP A 372 1.26 17.35 -27.07
C ASP A 372 1.90 18.51 -26.31
N PHE A 373 2.78 18.22 -25.35
CA PHE A 373 3.44 19.25 -24.55
C PHE A 373 4.73 19.72 -25.20
N TYR A 374 4.67 20.09 -26.47
CA TYR A 374 5.86 20.51 -27.21
C TYR A 374 5.57 21.81 -27.94
N ASP A 375 6.47 22.78 -27.77
CA ASP A 375 6.38 24.07 -28.44
C ASP A 375 7.63 24.27 -29.28
N GLU A 376 7.46 24.45 -30.59
CA GLU A 376 8.61 24.61 -31.47
C GLU A 376 9.31 25.95 -31.25
N GLU A 377 8.58 26.95 -30.75
CA GLU A 377 9.18 28.26 -30.50
C GLU A 377 10.23 28.17 -29.39
N ILE A 378 9.89 27.53 -28.28
CA ILE A 378 10.84 27.37 -27.18
C ILE A 378 11.77 26.18 -27.40
N ASN A 379 11.41 25.26 -28.30
CA ASN A 379 12.20 24.07 -28.60
C ASN A 379 12.47 23.31 -27.29
N GLU A 380 11.39 22.99 -26.58
CA GLU A 380 11.46 22.22 -25.36
C GLU A 380 10.13 21.51 -25.14
N GLY A 381 10.09 20.61 -24.16
CA GLY A 381 8.90 19.88 -23.83
C GLY A 381 8.50 20.12 -22.38
N ALA A 382 7.66 19.23 -21.88
CA ALA A 382 7.23 19.32 -20.48
C ALA A 382 8.38 18.90 -19.56
N LEU A 383 8.15 19.06 -18.26
CA LEU A 383 9.16 18.73 -17.27
C LEU A 383 8.48 18.37 -15.96
N VAL A 384 8.97 17.33 -15.30
CA VAL A 384 8.43 16.86 -14.04
C VAL A 384 9.50 17.04 -12.97
N ASN A 385 9.20 17.83 -11.94
CA ASN A 385 10.16 18.05 -10.87
C ASN A 385 9.98 17.05 -9.74
N THR A 386 8.74 16.69 -9.42
CA THR A 386 8.46 15.69 -8.39
C THR A 386 7.42 14.73 -8.94
N SER A 387 7.51 13.46 -8.53
CA SER A 387 6.58 12.43 -8.99
C SER A 387 5.58 12.01 -7.92
N ASP A 388 5.42 12.80 -6.86
CA ASP A 388 4.53 12.45 -5.76
C ASP A 388 3.15 13.07 -5.89
N LEU A 389 2.85 13.76 -6.98
CA LEU A 389 1.55 14.42 -7.15
C LEU A 389 0.86 14.01 -8.45
N ASN A 390 1.28 12.88 -9.03
CA ASN A 390 0.61 12.39 -10.23
C ASN A 390 -0.86 12.10 -9.97
N GLU A 391 -1.17 11.48 -8.83
CA GLU A 391 -2.56 11.30 -8.42
C GLU A 391 -3.19 12.60 -7.98
N GLU A 392 -2.40 13.57 -7.52
CA GLU A 392 -2.92 14.86 -7.10
C GLU A 392 -3.38 15.71 -8.27
N LEU A 393 -2.84 15.48 -9.47
CA LEU A 393 -3.29 16.22 -10.65
C LEU A 393 -4.75 15.95 -10.98
N GLY A 394 -5.30 14.82 -10.56
CA GLY A 394 -6.66 14.43 -10.88
C GLY A 394 -7.69 14.75 -9.83
N GLN A 395 -7.38 15.62 -8.86
CA GLN A 395 -8.33 15.99 -7.82
C GLN A 395 -8.44 17.50 -7.63
N VAL A 396 -8.01 18.29 -8.61
CA VAL A 396 -8.00 19.74 -8.48
C VAL A 396 -9.42 20.26 -8.34
N ASP A 397 -9.61 21.24 -7.45
CA ASP A 397 -10.90 21.88 -7.23
C ASP A 397 -10.89 23.36 -7.53
N TYR A 398 -9.80 24.08 -7.20
CA TYR A 398 -9.67 25.50 -7.44
C TYR A 398 -8.40 25.77 -8.22
N VAL A 399 -8.46 26.79 -9.08
CA VAL A 399 -7.33 27.15 -9.94
C VAL A 399 -7.08 28.64 -9.76
N PHE A 400 -5.85 29.00 -9.37
CA PHE A 400 -5.43 30.39 -9.24
C PHE A 400 -4.45 30.70 -10.35
N THR A 401 -4.76 31.72 -11.15
CA THR A 401 -4.01 32.03 -12.35
C THR A 401 -3.35 33.40 -12.22
N ASP A 402 -2.28 33.62 -12.98
CA ASP A 402 -1.60 34.92 -13.04
C ASP A 402 -1.92 35.57 -14.38
N LYS A 403 -2.15 36.89 -14.34
CA LYS A 403 -2.69 37.56 -15.52
C LYS A 403 -1.62 37.78 -16.59
N THR A 404 -0.57 38.54 -16.26
CA THR A 404 0.42 38.93 -17.25
C THR A 404 1.49 37.86 -17.38
N GLY A 405 1.63 37.30 -18.58
CA GLY A 405 2.62 36.27 -18.82
C GLY A 405 2.02 34.90 -19.04
N THR A 406 0.94 34.60 -18.31
CA THR A 406 0.28 33.31 -18.42
C THR A 406 -0.96 33.39 -19.32
N LEU A 407 -1.90 34.27 -18.97
CA LEU A 407 -3.09 34.45 -19.77
C LEU A 407 -2.83 35.24 -21.05
N THR A 408 -1.97 36.25 -20.98
CA THR A 408 -1.64 37.09 -22.12
C THR A 408 -0.16 36.99 -22.44
N GLU A 409 0.17 37.15 -23.71
CA GLU A 409 1.56 37.11 -24.16
C GLU A 409 1.95 38.42 -24.84
N LYS A 644 -2.13 40.70 -26.07
CA LYS A 644 -3.28 39.91 -26.47
C LYS A 644 -3.30 38.55 -25.76
N LEU A 645 -4.43 37.87 -25.83
CA LEU A 645 -4.56 36.56 -25.19
C LEU A 645 -3.70 35.52 -25.91
N GLN A 646 -3.52 34.39 -25.26
CA GLN A 646 -2.71 33.30 -25.81
C GLN A 646 -3.54 32.52 -26.82
N ASP A 647 -3.04 31.34 -27.22
CA ASP A 647 -3.66 30.60 -28.31
C ASP A 647 -5.08 30.16 -27.97
N GLN A 648 -5.26 29.52 -26.82
CA GLN A 648 -6.55 28.92 -26.45
C GLN A 648 -6.92 29.29 -25.02
N ALA A 649 -6.63 30.54 -24.64
CA ALA A 649 -6.90 30.99 -23.27
C ALA A 649 -8.38 30.98 -22.92
N ALA A 650 -9.25 31.41 -23.83
CA ALA A 650 -10.68 31.43 -23.56
C ALA A 650 -11.30 30.04 -23.54
N GLU A 651 -10.96 29.21 -24.53
CA GLU A 651 -11.51 27.86 -24.57
C GLU A 651 -10.98 26.97 -23.44
N THR A 652 -9.73 27.16 -23.02
CA THR A 652 -9.25 26.42 -21.85
C THR A 652 -10.02 26.79 -20.59
N ILE A 653 -10.30 28.08 -20.39
CA ILE A 653 -11.11 28.50 -19.25
C ILE A 653 -12.54 27.97 -19.35
N GLU A 654 -13.14 27.98 -20.55
CA GLU A 654 -14.47 27.41 -20.72
C GLU A 654 -14.49 25.92 -20.38
N ALA A 655 -13.47 25.18 -20.84
CA ALA A 655 -13.38 23.77 -20.52
C ALA A 655 -13.20 23.53 -19.04
N LEU A 656 -12.37 24.33 -18.37
CA LEU A 656 -12.20 24.21 -16.93
C LEU A 656 -13.47 24.52 -16.16
N HIS A 657 -14.24 25.53 -16.58
CA HIS A 657 -15.54 25.81 -15.98
C HIS A 657 -16.53 24.68 -16.20
N ALA A 658 -16.50 24.06 -17.38
CA ALA A 658 -17.41 22.95 -17.65
C ALA A 658 -17.11 21.74 -16.77
N ALA A 659 -15.87 21.63 -16.29
CA ALA A 659 -15.48 20.51 -15.44
C ALA A 659 -15.82 20.71 -13.98
N GLY A 660 -16.35 21.88 -13.60
CA GLY A 660 -16.74 22.12 -12.23
C GLY A 660 -15.72 22.81 -11.37
N LEU A 661 -14.67 23.38 -11.95
CA LEU A 661 -13.65 24.10 -11.19
C LEU A 661 -13.95 25.59 -11.19
N LYS A 662 -13.42 26.27 -10.18
CA LYS A 662 -13.57 27.72 -10.02
C LYS A 662 -12.21 28.36 -10.30
N VAL A 663 -12.18 29.28 -11.26
CA VAL A 663 -10.94 29.90 -11.70
C VAL A 663 -10.88 31.31 -11.13
N TRP A 664 -9.84 31.59 -10.36
CA TRP A 664 -9.56 32.92 -9.83
C TRP A 664 -8.32 33.48 -10.49
N VAL A 665 -8.31 34.80 -10.68
CA VAL A 665 -7.18 35.49 -11.29
C VAL A 665 -6.55 36.37 -10.23
N LEU A 666 -5.32 36.03 -9.83
CA LEU A 666 -4.55 36.82 -8.89
C LEU A 666 -3.38 37.44 -9.62
N THR A 667 -3.31 38.77 -9.62
CA THR A 667 -2.29 39.50 -10.37
C THR A 667 -1.73 40.62 -9.51
N GLY A 668 -0.72 41.31 -10.06
CA GLY A 668 -0.13 42.44 -9.40
C GLY A 668 -0.33 43.73 -10.17
N ASP A 669 -1.04 43.65 -11.29
CA ASP A 669 -1.30 44.80 -12.13
C ASP A 669 -2.41 45.67 -11.54
N LYS A 670 -2.54 46.87 -12.10
CA LYS A 670 -3.58 47.80 -11.68
C LYS A 670 -4.94 47.35 -12.22
N MET A 671 -6.00 47.79 -11.54
CA MET A 671 -7.35 47.39 -11.89
C MET A 671 -7.76 47.81 -13.29
N GLU A 672 -7.34 49.00 -13.74
CA GLU A 672 -7.76 49.50 -15.04
C GLU A 672 -7.40 48.55 -16.16
N THR A 673 -6.16 48.04 -16.15
CA THR A 673 -5.75 47.09 -17.17
C THR A 673 -6.05 45.65 -16.79
N ALA A 674 -6.28 45.36 -15.51
CA ALA A 674 -6.58 43.98 -15.12
C ALA A 674 -8.00 43.59 -15.45
N LYS A 675 -8.96 44.52 -15.31
CA LYS A 675 -10.37 44.22 -15.54
C LYS A 675 -10.66 43.99 -17.02
N SER A 676 -10.01 44.73 -17.92
CA SER A 676 -10.21 44.54 -19.34
C SER A 676 -9.77 43.14 -19.78
N THR A 677 -8.65 42.66 -19.23
CA THR A 677 -8.17 41.32 -19.56
C THR A 677 -9.19 40.26 -19.12
N CYS A 678 -9.74 40.43 -17.92
CA CYS A 678 -10.78 39.52 -17.45
C CYS A 678 -12.01 39.57 -18.33
N TYR A 679 -12.38 40.76 -18.81
CA TYR A 679 -13.53 40.89 -19.70
C TYR A 679 -13.28 40.25 -21.05
N ALA A 680 -12.02 40.00 -21.42
CA ALA A 680 -11.69 39.39 -22.69
C ALA A 680 -11.49 37.88 -22.61
N CYS A 681 -11.27 37.34 -21.42
CA CYS A 681 -11.09 35.90 -21.23
C CYS A 681 -12.40 35.16 -21.04
N ARG A 682 -13.53 35.80 -21.33
CA ARG A 682 -14.88 35.25 -21.14
C ARG A 682 -15.18 34.95 -19.67
N LEU A 683 -14.32 35.39 -18.76
CA LEU A 683 -14.56 35.23 -17.33
C LEU A 683 -15.62 36.17 -16.80
N PHE A 684 -15.76 37.36 -17.40
CA PHE A 684 -16.75 38.36 -17.01
C PHE A 684 -17.65 38.61 -18.21
N GLN A 685 -18.90 38.16 -18.14
CA GLN A 685 -19.83 38.33 -19.23
C GLN A 685 -20.38 39.74 -19.25
N THR A 686 -21.28 40.00 -20.21
CA THR A 686 -21.91 41.31 -20.30
C THR A 686 -22.92 41.51 -19.17
N ASN A 687 -23.77 40.52 -18.93
CA ASN A 687 -24.84 40.63 -17.95
C ASN A 687 -24.43 40.08 -16.58
N THR A 688 -23.31 40.56 -16.05
CA THR A 688 -22.88 40.19 -14.71
C THR A 688 -22.70 41.47 -13.89
N GLU A 689 -23.18 41.44 -12.65
CA GLU A 689 -23.05 42.60 -11.77
C GLU A 689 -21.70 42.53 -11.06
N LEU A 690 -20.89 43.56 -11.24
CA LEU A 690 -19.55 43.59 -10.66
C LEU A 690 -19.64 43.99 -9.18
N LEU A 691 -19.26 43.08 -8.31
CA LEU A 691 -19.24 43.32 -6.87
C LEU A 691 -17.84 43.80 -6.51
N GLU A 692 -17.71 45.09 -6.23
CA GLU A 692 -16.40 45.73 -6.22
C GLU A 692 -16.05 46.20 -4.80
N LEU A 693 -14.80 45.93 -4.39
CA LEU A 693 -14.31 46.28 -3.06
C LEU A 693 -12.97 47.01 -3.13
N THR A 694 -12.76 47.84 -4.14
CA THR A 694 -11.44 48.44 -4.34
C THR A 694 -11.17 49.54 -3.32
N THR A 695 -9.99 50.16 -3.46
CA THR A 695 -9.63 51.29 -2.61
C THR A 695 -10.36 52.56 -3.01
N LYS A 696 -10.97 52.59 -4.19
CA LYS A 696 -11.71 53.75 -4.67
C LYS A 696 -12.97 54.02 -3.85
N THR A 697 -13.48 53.03 -3.12
CA THR A 697 -14.70 53.17 -2.34
C THR A 697 -14.45 53.06 -0.83
N ILE A 698 -13.24 52.73 -0.42
CA ILE A 698 -12.94 52.72 1.05
C ILE A 698 -11.87 53.79 1.32
N GLU A 699 -12.31 54.96 1.79
CA GLU A 699 -11.35 56.05 2.10
C GLU A 699 -11.37 56.26 3.63
N GLU A 700 -11.69 55.20 4.37
CA GLU A 700 -11.77 55.30 5.86
C GLU A 700 -11.35 53.96 6.47
N SER A 701 -12.06 53.50 7.50
CA SER A 701 -11.72 52.26 8.20
C SER A 701 -12.95 51.39 8.46
N GLU A 702 -13.99 51.96 9.05
CA GLU A 702 -15.18 51.22 9.42
C GLU A 702 -16.25 51.21 8.33
N ARG A 703 -16.00 51.88 7.20
CA ARG A 703 -16.92 51.79 6.07
C ARG A 703 -16.95 50.38 5.51
N LYS A 704 -15.84 49.66 5.63
CA LYS A 704 -15.75 48.30 5.08
C LYS A 704 -16.72 47.34 5.77
N GLU A 705 -16.86 47.44 7.09
CA GLU A 705 -17.76 46.54 7.80
C GLU A 705 -19.20 46.75 7.36
N ASP A 706 -19.59 48.01 7.17
CA ASP A 706 -20.91 48.30 6.62
C ASP A 706 -21.05 47.78 5.20
N ARG A 707 -20.01 47.94 4.38
CA ARG A 707 -20.09 47.51 2.99
C ARG A 707 -20.26 45.99 2.89
N LEU A 708 -19.49 45.25 3.68
CA LEU A 708 -19.57 43.80 3.65
C LEU A 708 -20.94 43.30 4.07
N HIS A 709 -21.49 43.87 5.14
CA HIS A 709 -22.83 43.54 5.59
C HIS A 709 -23.88 43.85 4.51
N GLU A 710 -23.76 45.01 3.87
CA GLU A 710 -24.68 45.37 2.80
C GLU A 710 -24.61 44.39 1.64
N LEU A 711 -23.41 44.04 1.18
CA LEU A 711 -23.28 43.23 -0.02
C LEU A 711 -23.43 41.74 0.24
N LEU A 712 -23.37 41.29 1.50
CA LEU A 712 -23.54 39.88 1.82
C LEU A 712 -24.92 39.58 2.40
N ILE A 713 -25.31 40.29 3.46
CA ILE A 713 -26.50 39.92 4.21
C ILE A 713 -27.79 40.41 3.57
N GLU A 714 -27.78 41.57 2.92
CA GLU A 714 -29.00 42.10 2.32
C GLU A 714 -28.94 42.22 0.81
N TYR A 715 -27.93 41.67 0.15
CA TYR A 715 -27.84 41.81 -1.30
C TYR A 715 -27.91 40.46 -2.00
N ARG A 716 -27.18 39.47 -1.50
CA ARG A 716 -26.90 38.30 -2.34
C ARG A 716 -27.54 37.00 -1.85
N LYS A 717 -27.35 36.64 -0.58
CA LYS A 717 -27.85 35.35 -0.14
C LYS A 717 -29.37 35.26 -0.20
N LYS A 718 -30.04 36.40 -0.35
CA LYS A 718 -31.49 36.46 -0.51
C LYS A 718 -31.93 36.10 -1.91
N LEU A 719 -31.00 35.96 -2.85
CA LEU A 719 -31.30 35.60 -4.24
C LEU A 719 -32.29 36.56 -4.88
N GLU A 736 -29.37 33.17 -11.14
CA GLU A 736 -28.74 34.35 -10.57
C GLU A 736 -27.38 34.02 -9.97
N HIS A 737 -26.95 32.77 -10.16
CA HIS A 737 -25.68 32.29 -9.62
C HIS A 737 -24.48 32.80 -10.41
N GLN A 738 -24.67 33.35 -11.61
CA GLN A 738 -23.58 33.82 -12.45
C GLN A 738 -23.39 35.33 -12.40
N GLU A 739 -24.41 36.07 -11.97
CA GLU A 739 -24.44 37.52 -12.07
C GLU A 739 -23.36 38.23 -11.27
N TYR A 740 -23.03 37.74 -10.08
CA TYR A 740 -22.18 38.51 -9.18
C TYR A 740 -20.74 38.03 -9.23
N GLY A 741 -19.83 38.93 -9.60
CA GLY A 741 -18.42 38.63 -9.64
C GLY A 741 -17.61 39.64 -8.84
N LEU A 742 -16.83 39.15 -7.88
CA LEU A 742 -16.11 40.00 -6.96
C LEU A 742 -14.86 40.59 -7.61
N ILE A 743 -14.60 41.86 -7.29
CA ILE A 743 -13.37 42.54 -7.66
C ILE A 743 -12.82 43.21 -6.41
N ILE A 744 -11.58 42.89 -6.06
CA ILE A 744 -10.96 43.35 -4.83
C ILE A 744 -9.59 43.95 -5.17
N ASP A 745 -9.05 44.71 -4.21
CA ASP A 745 -7.75 45.33 -4.36
C ASP A 745 -6.87 44.87 -3.20
N GLY A 746 -5.56 44.86 -3.43
CA GLY A 746 -4.63 44.41 -2.40
C GLY A 746 -4.69 45.26 -1.15
N SER A 747 -4.88 46.57 -1.30
CA SER A 747 -4.96 47.44 -0.13
C SER A 747 -6.13 47.07 0.78
N THR A 748 -7.32 46.88 0.19
CA THR A 748 -8.47 46.49 0.98
C THR A 748 -8.27 45.12 1.62
N LEU A 749 -7.69 44.17 0.88
CA LEU A 749 -7.42 42.85 1.42
C LEU A 749 -6.44 42.91 2.60
N SER A 750 -5.50 43.86 2.58
CA SER A 750 -4.58 43.99 3.71
C SER A 750 -5.32 44.29 5.00
N LEU A 751 -6.23 45.27 5.00
CA LEU A 751 -7.06 45.52 6.17
C LEU A 751 -7.96 44.34 6.49
N ILE A 752 -8.55 43.73 5.47
CA ILE A 752 -9.45 42.59 5.69
C ILE A 752 -8.74 41.48 6.45
N LEU A 753 -7.48 41.22 6.10
CA LEU A 753 -6.74 40.14 6.74
C LEU A 753 -6.19 40.55 8.10
N ASN A 754 -5.43 41.65 8.14
CA ASN A 754 -4.70 42.00 9.35
C ASN A 754 -5.63 42.56 10.44
N SER A 755 -6.58 43.43 10.07
CA SER A 755 -7.40 44.13 11.04
C SER A 755 -8.72 43.42 11.32
N SER A 756 -8.75 42.09 11.23
CA SER A 756 -9.95 41.32 11.47
C SER A 756 -10.08 40.85 12.92
N GLN A 757 -9.15 41.24 13.79
CA GLN A 757 -9.14 40.80 15.17
C GLN A 757 -9.56 41.91 16.14
N ASP A 758 -10.34 42.88 15.67
CA ASP A 758 -10.87 43.94 16.52
C ASP A 758 -12.26 43.63 17.05
N SER A 759 -13.09 42.98 16.23
CA SER A 759 -14.41 42.53 16.64
C SER A 759 -14.51 41.03 16.41
N SER A 760 -15.22 40.35 17.33
CA SER A 760 -15.32 38.89 17.29
C SER A 760 -16.73 38.37 17.08
N SER A 761 -17.75 39.22 17.17
CA SER A 761 -19.12 38.77 16.96
C SER A 761 -19.34 38.28 15.54
N ASN A 762 -18.81 39.00 14.54
CA ASN A 762 -18.90 38.61 13.13
C ASN A 762 -17.50 38.73 12.54
N ASN A 763 -16.85 37.59 12.31
CA ASN A 763 -15.48 37.58 11.86
C ASN A 763 -15.38 38.04 10.41
N TYR A 764 -14.48 39.01 10.17
CA TYR A 764 -14.30 39.56 8.83
C TYR A 764 -13.87 38.48 7.85
N LYS A 765 -12.97 37.60 8.27
CA LYS A 765 -12.51 36.53 7.40
C LYS A 765 -13.66 35.63 6.96
N SER A 766 -14.56 35.24 7.86
CA SER A 766 -15.67 34.39 7.47
C SER A 766 -16.67 35.12 6.59
N ILE A 767 -17.02 36.38 6.94
CA ILE A 767 -18.04 37.07 6.16
C ILE A 767 -17.50 37.44 4.77
N PHE A 768 -16.18 37.49 4.62
CA PHE A 768 -15.59 37.74 3.32
C PHE A 768 -15.36 36.45 2.54
N LEU A 769 -15.06 35.36 3.24
CA LEU A 769 -14.90 34.07 2.58
C LEU A 769 -16.21 33.55 2.03
N GLN A 770 -17.33 33.77 2.72
CA GLN A 770 -18.60 33.30 2.18
C GLN A 770 -18.96 34.01 0.89
N ILE A 771 -18.78 35.35 0.83
CA ILE A 771 -19.09 36.09 -0.38
C ILE A 771 -18.10 35.76 -1.49
N CYS A 772 -16.83 35.48 -1.16
CA CYS A 772 -15.91 34.96 -2.17
C CYS A 772 -16.37 33.61 -2.74
N MET A 773 -16.69 32.66 -1.86
CA MET A 773 -17.01 31.31 -2.31
C MET A 773 -18.37 31.21 -2.99
N LYS A 774 -19.30 32.12 -2.72
CA LYS A 774 -20.58 32.07 -3.40
C LYS A 774 -20.60 32.87 -4.70
N CYS A 775 -19.47 33.42 -5.11
CA CYS A 775 -19.37 34.21 -6.34
C CYS A 775 -18.80 33.36 -7.48
N THR A 776 -19.08 33.79 -8.71
CA THR A 776 -18.65 33.03 -9.88
C THR A 776 -17.14 33.13 -10.09
N ALA A 777 -16.59 34.33 -9.97
CA ALA A 777 -15.16 34.55 -10.20
C ALA A 777 -14.68 35.73 -9.38
N VAL A 778 -13.40 35.69 -9.02
CA VAL A 778 -12.78 36.71 -8.19
C VAL A 778 -11.53 37.23 -8.88
N LEU A 779 -11.39 38.56 -8.91
CA LEU A 779 -10.21 39.21 -9.47
C LEU A 779 -9.58 40.05 -8.37
N CYS A 780 -8.27 39.90 -8.17
CA CYS A 780 -7.53 40.61 -7.14
C CYS A 780 -6.32 41.28 -7.77
N CYS A 781 -6.25 42.61 -7.68
CA CYS A 781 -5.22 43.40 -8.33
C CYS A 781 -4.32 44.08 -7.30
N ARG A 782 -3.11 44.46 -7.76
CA ARG A 782 -2.11 45.13 -6.94
C ARG A 782 -1.78 44.30 -5.69
N MET A 783 -1.35 43.07 -5.92
CA MET A 783 -1.14 42.11 -4.84
C MET A 783 0.34 41.78 -4.69
N ALA A 784 0.80 41.77 -3.44
CA ALA A 784 2.16 41.39 -3.12
C ALA A 784 2.36 39.88 -3.26
N PRO A 785 3.60 39.43 -3.41
CA PRO A 785 3.83 37.98 -3.55
C PRO A 785 3.33 37.13 -2.39
N LEU A 786 3.37 37.66 -1.16
CA LEU A 786 2.91 36.88 -0.01
C LEU A 786 1.40 36.82 0.09
N GLN A 787 0.70 37.86 -0.37
CA GLN A 787 -0.75 37.88 -0.27
C GLN A 787 -1.40 36.79 -1.12
N LYS A 788 -0.75 36.40 -2.23
CA LYS A 788 -1.24 35.28 -3.02
C LYS A 788 -1.23 33.99 -2.21
N ALA A 789 -0.14 33.71 -1.50
CA ALA A 789 -0.08 32.57 -0.61
C ALA A 789 -1.03 32.68 0.56
N GLN A 790 -1.30 33.90 1.04
CA GLN A 790 -2.32 34.10 2.06
C GLN A 790 -3.72 33.77 1.57
N ILE A 791 -4.07 34.20 0.36
CA ILE A 791 -5.38 33.84 -0.22
C ILE A 791 -5.49 32.34 -0.44
N VAL A 792 -4.44 31.73 -0.99
CA VAL A 792 -4.46 30.28 -1.22
C VAL A 792 -4.60 29.52 0.10
N ARG A 793 -3.86 29.92 1.13
CA ARG A 793 -3.98 29.30 2.44
C ARG A 793 -5.35 29.51 3.07
N MET A 794 -5.93 30.71 2.93
CA MET A 794 -7.26 30.96 3.45
C MET A 794 -8.29 30.05 2.79
N VAL A 795 -8.15 29.83 1.48
CA VAL A 795 -9.08 28.95 0.79
C VAL A 795 -8.92 27.50 1.27
N LYS A 796 -7.68 27.07 1.53
CA LYS A 796 -7.39 25.68 1.83
C LYS A 796 -8.02 25.19 3.14
N ASN A 797 -8.41 26.09 4.04
CA ASN A 797 -8.83 25.69 5.37
C ASN A 797 -10.33 25.54 5.53
N LEU A 798 -11.13 26.13 4.63
CA LEU A 798 -12.56 26.21 4.85
C LEU A 798 -13.24 24.86 4.58
N LYS A 799 -14.21 24.52 5.43
CA LYS A 799 -15.19 23.46 5.21
C LYS A 799 -14.56 22.19 4.63
N GLY A 800 -13.62 21.65 5.37
CA GLY A 800 -12.95 20.43 4.95
C GLY A 800 -11.58 20.70 4.33
N SER A 801 -11.40 20.33 3.08
CA SER A 801 -10.11 20.52 2.42
C SER A 801 -10.27 20.61 0.91
N PRO A 802 -10.66 21.77 0.37
CA PRO A 802 -10.62 21.94 -1.08
C PRO A 802 -9.19 21.84 -1.60
N ILE A 803 -9.06 21.28 -2.80
CA ILE A 803 -7.75 21.05 -3.40
C ILE A 803 -7.47 22.17 -4.38
N THR A 804 -6.34 22.84 -4.21
CA THR A 804 -6.01 24.04 -4.96
C THR A 804 -4.81 23.81 -5.88
N LEU A 805 -4.83 24.47 -7.03
CA LEU A 805 -3.73 24.45 -7.99
C LEU A 805 -3.44 25.89 -8.41
N SER A 806 -2.16 26.23 -8.50
CA SER A 806 -1.74 27.56 -8.88
C SER A 806 -0.77 27.47 -10.04
N ILE A 807 -0.91 28.39 -11.00
CA ILE A 807 -0.09 28.40 -12.21
C ILE A 807 0.46 29.81 -12.40
N GLY A 808 1.75 29.90 -12.70
CA GLY A 808 2.40 31.18 -12.90
C GLY A 808 3.68 31.02 -13.67
N ASP A 809 4.24 32.14 -14.12
CA ASP A 809 5.47 32.15 -14.90
C ASP A 809 6.51 33.11 -14.36
N GLY A 810 6.18 33.93 -13.36
CA GLY A 810 7.08 34.93 -12.84
C GLY A 810 7.61 34.56 -11.47
N ALA A 811 8.65 35.29 -11.06
CA ALA A 811 9.28 35.06 -9.76
C ALA A 811 8.38 35.45 -8.60
N ASN A 812 7.44 36.36 -8.80
CA ASN A 812 6.52 36.74 -7.74
C ASN A 812 5.44 35.70 -7.48
N ASP A 813 5.30 34.71 -8.35
CA ASP A 813 4.32 33.65 -8.16
C ASP A 813 4.85 32.48 -7.34
N VAL A 814 6.13 32.50 -6.96
CA VAL A 814 6.72 31.36 -6.28
C VAL A 814 6.11 31.14 -4.89
N SER A 815 5.73 32.21 -4.20
CA SER A 815 5.11 32.07 -2.88
C SER A 815 3.79 31.32 -2.94
N MET A 816 2.95 31.60 -3.94
CA MET A 816 1.70 30.88 -4.10
C MET A 816 1.89 29.52 -4.77
N ILE A 817 2.97 29.34 -5.53
CA ILE A 817 3.26 28.03 -6.09
C ILE A 817 3.68 27.06 -4.99
N LEU A 818 4.48 27.53 -4.02
CA LEU A 818 4.94 26.68 -2.95
C LEU A 818 3.88 26.43 -1.87
N GLU A 819 2.77 27.16 -1.91
CA GLU A 819 1.73 27.00 -0.88
C GLU A 819 0.58 26.12 -1.33
N SER A 820 0.24 26.13 -2.61
CA SER A 820 -0.88 25.35 -3.10
C SER A 820 -0.54 23.86 -3.07
N HIS A 821 -1.57 23.03 -3.24
CA HIS A 821 -1.38 21.58 -3.20
C HIS A 821 -0.48 21.09 -4.32
N VAL A 822 -0.69 21.60 -5.54
CA VAL A 822 0.14 21.27 -6.69
C VAL A 822 0.45 22.56 -7.44
N GLY A 823 1.70 22.78 -7.79
CA GLY A 823 2.14 23.98 -8.46
C GLY A 823 2.62 23.69 -9.87
N ILE A 824 2.10 24.48 -10.81
CA ILE A 824 2.47 24.38 -12.23
C ILE A 824 3.20 25.66 -12.61
N GLY A 825 4.36 25.51 -13.25
CA GLY A 825 5.14 26.66 -13.64
C GLY A 825 5.34 26.77 -15.14
N ILE A 826 4.94 27.90 -15.72
CA ILE A 826 5.07 28.10 -17.15
C ILE A 826 6.50 28.53 -17.48
N LYS A 827 7.07 27.91 -18.51
CA LYS A 827 8.40 28.27 -19.02
C LYS A 827 8.20 29.44 -19.98
N GLY A 828 8.45 30.65 -19.48
CA GLY A 828 8.20 31.84 -20.26
C GLY A 828 9.42 32.70 -20.50
N LYS A 829 9.19 33.92 -21.02
CA LYS A 829 10.30 34.80 -21.34
C LYS A 829 10.83 35.50 -20.09
N GLU A 830 10.04 35.54 -19.02
CA GLU A 830 10.50 36.15 -17.78
C GLU A 830 11.72 35.43 -17.23
N GLY A 831 11.65 34.11 -17.13
CA GLY A 831 12.76 33.33 -16.63
C GLY A 831 12.28 31.98 -16.15
N ARG A 832 13.25 31.19 -15.66
CA ARG A 832 12.99 29.87 -15.13
C ARG A 832 12.93 29.85 -13.60
N GLN A 833 12.69 30.99 -12.98
CA GLN A 833 12.62 31.05 -11.52
C GLN A 833 11.43 30.27 -11.00
N ALA A 834 10.27 30.38 -11.65
CA ALA A 834 9.09 29.62 -11.27
C ALA A 834 9.05 28.24 -11.90
N ALA A 835 9.89 27.98 -12.91
CA ALA A 835 9.90 26.68 -13.56
C ALA A 835 10.62 25.62 -12.73
N ARG A 836 11.63 26.01 -11.94
CA ARG A 836 12.39 25.07 -11.13
C ARG A 836 11.81 24.90 -9.74
N ASN A 837 10.99 25.83 -9.26
CA ASN A 837 10.39 25.74 -7.94
C ASN A 837 9.02 25.08 -7.95
N SER A 838 8.48 24.77 -9.13
CA SER A 838 7.16 24.16 -9.23
C SER A 838 7.29 22.64 -9.34
N ASP A 839 6.15 21.95 -9.27
CA ASP A 839 6.13 20.50 -9.39
C ASP A 839 6.18 20.03 -10.84
N TYR A 840 5.42 20.69 -11.72
CA TYR A 840 5.42 20.38 -13.14
C TYR A 840 5.65 21.66 -13.93
N SER A 841 5.87 21.52 -15.23
CA SER A 841 6.17 22.67 -16.08
C SER A 841 5.63 22.40 -17.47
N VAL A 842 4.80 23.30 -17.98
CA VAL A 842 4.28 23.22 -19.34
C VAL A 842 4.57 24.54 -20.04
N PRO A 843 5.07 24.51 -21.28
CA PRO A 843 5.44 25.78 -21.93
C PRO A 843 4.28 26.47 -22.64
N LYS A 844 3.12 26.51 -22.00
CA LYS A 844 1.90 27.13 -22.50
C LYS A 844 0.83 27.05 -21.43
N PHE A 845 -0.25 27.80 -21.63
CA PHE A 845 -1.39 27.70 -20.73
C PHE A 845 -2.44 26.74 -21.24
N LYS A 846 -2.53 26.57 -22.56
CA LYS A 846 -3.52 25.66 -23.14
C LYS A 846 -3.21 24.20 -22.81
N HIS A 847 -1.98 23.90 -22.42
CA HIS A 847 -1.60 22.52 -22.10
C HIS A 847 -2.22 22.02 -20.80
N LEU A 848 -2.74 22.92 -19.97
CA LEU A 848 -3.32 22.52 -18.69
C LEU A 848 -4.53 21.61 -18.83
N LYS A 849 -5.39 21.85 -19.83
CA LYS A 849 -6.55 20.99 -20.04
C LYS A 849 -6.12 19.55 -20.28
N LYS A 850 -5.18 19.33 -21.19
CA LYS A 850 -4.67 17.98 -21.42
C LYS A 850 -3.91 17.44 -20.23
N LEU A 851 -3.18 18.30 -19.51
CA LEU A 851 -2.36 17.83 -18.40
C LEU A 851 -3.22 17.30 -17.25
N LEU A 852 -4.32 17.97 -16.92
CA LEU A 852 -5.09 17.56 -15.74
C LEU A 852 -6.42 16.88 -16.04
N LEU A 853 -6.95 16.99 -17.26
CA LEU A 853 -8.19 16.31 -17.58
C LEU A 853 -7.97 14.81 -17.76
N ALA A 854 -6.90 14.42 -18.45
CA ALA A 854 -6.68 13.02 -18.79
C ALA A 854 -5.62 12.38 -17.90
N HIS A 855 -4.44 12.98 -17.82
CA HIS A 855 -3.33 12.37 -17.08
C HIS A 855 -3.67 12.21 -15.60
N GLY A 856 -4.22 13.26 -14.98
CA GLY A 856 -4.55 13.17 -13.57
C GLY A 856 -5.64 12.15 -13.31
N HIS A 857 -6.67 12.11 -14.15
CA HIS A 857 -7.73 11.12 -14.02
C HIS A 857 -7.17 9.70 -14.08
N LEU A 858 -6.33 9.43 -15.10
CA LEU A 858 -5.76 8.10 -15.25
C LEU A 858 -4.89 7.74 -14.05
N TYR A 859 -4.03 8.66 -13.62
CA TYR A 859 -3.14 8.38 -12.50
C TYR A 859 -3.91 8.09 -11.22
N TYR A 860 -4.94 8.90 -10.93
CA TYR A 860 -5.74 8.67 -9.74
C TYR A 860 -6.45 7.33 -9.80
N VAL A 861 -7.05 7.00 -10.94
CA VAL A 861 -7.73 5.71 -11.05
C VAL A 861 -6.78 4.55 -10.82
N ARG A 862 -5.61 4.60 -11.48
CA ARG A 862 -4.64 3.53 -11.32
C ARG A 862 -4.17 3.37 -9.88
N ILE A 863 -3.81 4.47 -9.22
CA ILE A 863 -3.28 4.34 -7.87
C ILE A 863 -4.36 3.90 -6.87
N ALA A 864 -5.59 4.42 -7.00
CA ALA A 864 -6.66 3.98 -6.12
C ALA A 864 -6.96 2.50 -6.29
N HIS A 865 -7.08 2.01 -7.52
CA HIS A 865 -7.30 0.59 -7.73
C HIS A 865 -6.14 -0.25 -7.20
N LEU A 866 -4.90 0.20 -7.39
CA LEU A 866 -3.76 -0.55 -6.88
C LEU A 866 -3.81 -0.65 -5.36
N VAL A 867 -4.11 0.45 -4.66
CA VAL A 867 -4.17 0.41 -3.21
C VAL A 867 -5.27 -0.54 -2.73
N GLN A 868 -6.46 -0.41 -3.31
CA GLN A 868 -7.58 -1.26 -2.88
C GLN A 868 -7.26 -2.74 -3.11
N TYR A 869 -6.73 -3.07 -4.28
CA TYR A 869 -6.38 -4.45 -4.58
C TYR A 869 -5.28 -4.96 -3.68
N PHE A 870 -4.27 -4.13 -3.37
CA PHE A 870 -3.20 -4.58 -2.49
C PHE A 870 -3.71 -4.90 -1.09
N PHE A 871 -4.64 -4.10 -0.56
CA PHE A 871 -5.16 -4.45 0.76
C PHE A 871 -6.05 -5.69 0.71
N TYR A 872 -6.93 -5.78 -0.30
CA TYR A 872 -7.84 -6.92 -0.39
C TYR A 872 -7.09 -8.23 -0.57
N LYS A 873 -6.06 -8.23 -1.41
CA LYS A 873 -5.31 -9.43 -1.74
C LYS A 873 -4.62 -10.03 -0.52
N ASN A 874 -4.15 -9.22 0.40
CA ASN A 874 -3.53 -9.72 1.62
C ASN A 874 -4.53 -10.04 2.72
N LEU A 875 -5.63 -9.28 2.84
CA LEU A 875 -6.65 -9.70 3.80
C LEU A 875 -7.22 -11.06 3.46
N CYS A 876 -7.54 -11.30 2.20
CA CYS A 876 -8.07 -12.61 1.80
C CYS A 876 -7.00 -13.68 1.91
N PHE A 877 -5.73 -13.32 1.73
CA PHE A 877 -4.62 -14.24 1.96
C PHE A 877 -4.54 -14.70 3.41
N ILE A 878 -4.71 -13.77 4.35
CA ILE A 878 -4.45 -14.08 5.76
C ILE A 878 -5.65 -14.69 6.48
N LEU A 879 -6.88 -14.31 6.12
CA LEU A 879 -8.04 -14.76 6.89
C LEU A 879 -8.11 -16.28 7.08
N PRO A 880 -7.89 -17.13 6.06
CA PRO A 880 -7.91 -18.58 6.31
C PRO A 880 -6.89 -19.04 7.33
N GLN A 881 -5.71 -18.42 7.37
CA GLN A 881 -4.70 -18.78 8.37
C GLN A 881 -5.16 -18.47 9.78
N PHE A 882 -5.83 -17.34 10.00
CA PHE A 882 -6.39 -17.05 11.31
C PHE A 882 -7.51 -18.01 11.66
N LEU A 883 -8.34 -18.37 10.67
CA LEU A 883 -9.40 -19.35 10.94
C LEU A 883 -8.83 -20.72 11.29
N TYR A 884 -7.64 -21.05 10.76
CA TYR A 884 -7.06 -22.35 11.01
C TYR A 884 -6.67 -22.56 12.47
N GLN A 885 -6.40 -21.49 13.21
CA GLN A 885 -5.91 -21.64 14.58
C GLN A 885 -6.94 -22.28 15.50
N PHE A 886 -8.23 -22.24 15.13
CA PHE A 886 -9.25 -22.85 15.95
C PHE A 886 -9.24 -24.37 15.86
N PHE A 887 -8.57 -24.95 14.86
CA PHE A 887 -8.53 -26.40 14.69
C PHE A 887 -7.21 -27.03 15.09
N CYS A 888 -6.17 -26.25 15.29
CA CYS A 888 -5.00 -26.71 16.02
C CYS A 888 -5.13 -26.28 17.48
N GLY A 889 -4.06 -26.46 18.25
CA GLY A 889 -4.10 -26.06 19.64
C GLY A 889 -3.73 -24.61 19.86
N PHE A 890 -4.10 -23.75 18.90
CA PHE A 890 -3.70 -22.35 18.90
C PHE A 890 -2.18 -22.22 19.03
N SER A 891 -1.46 -23.11 18.35
CA SER A 891 -0.02 -23.23 18.49
C SER A 891 0.74 -22.39 17.48
N GLN A 892 0.08 -21.46 16.80
CA GLN A 892 0.72 -20.60 15.79
C GLN A 892 1.33 -21.43 14.66
N GLN A 893 0.62 -22.48 14.25
CA GLN A 893 1.08 -23.33 13.15
C GLN A 893 0.69 -22.69 11.82
N PRO A 894 1.66 -22.33 10.98
CA PRO A 894 1.32 -21.77 9.66
C PRO A 894 0.59 -22.80 8.81
N LEU A 895 -0.43 -22.31 8.09
CA LEU A 895 -1.20 -23.21 7.22
C LEU A 895 -0.44 -23.53 5.95
N TYR A 896 0.29 -22.55 5.40
CA TYR A 896 1.04 -22.74 4.17
C TYR A 896 2.51 -23.02 4.47
N ASP A 897 3.23 -23.42 3.43
CA ASP A 897 4.66 -23.62 3.53
C ASP A 897 5.38 -22.28 3.59
N ALA A 898 6.59 -22.29 4.18
CA ALA A 898 7.39 -21.08 4.25
C ALA A 898 7.74 -20.53 2.87
N ALA A 899 8.04 -21.41 1.92
CA ALA A 899 8.30 -20.97 0.55
C ALA A 899 7.10 -20.25 -0.06
N TYR A 900 5.90 -20.79 0.09
CA TYR A 900 4.70 -20.11 -0.40
C TYR A 900 4.45 -18.80 0.31
N LEU A 901 4.64 -18.76 1.64
CA LEU A 901 4.47 -17.51 2.38
C LEU A 901 5.42 -16.43 1.86
N THR A 902 6.67 -16.79 1.62
CA THR A 902 7.64 -15.84 1.09
C THR A 902 7.31 -15.43 -0.35
N MET A 903 6.90 -16.39 -1.18
CA MET A 903 6.77 -16.19 -2.61
C MET A 903 5.40 -15.65 -3.03
N TYR A 904 4.45 -15.50 -2.10
CA TYR A 904 3.11 -15.07 -2.48
C TYR A 904 3.13 -13.67 -3.05
N ASN A 905 3.74 -12.72 -2.35
CA ASN A 905 3.68 -11.31 -2.72
C ASN A 905 4.84 -10.87 -3.62
N ILE A 906 5.79 -11.76 -3.92
CA ILE A 906 6.97 -11.36 -4.67
C ILE A 906 6.84 -11.66 -6.16
N CYS A 907 6.36 -12.85 -6.51
CA CYS A 907 6.30 -13.26 -7.91
C CYS A 907 4.92 -13.72 -8.36
N PHE A 908 4.16 -14.40 -7.49
CA PHE A 908 2.88 -14.96 -7.91
C PHE A 908 1.86 -13.88 -8.27
N THR A 909 1.79 -12.79 -7.51
CA THR A 909 0.74 -11.79 -7.70
C THR A 909 1.27 -10.37 -7.79
N SER A 910 2.58 -10.16 -7.80
CA SER A 910 3.14 -8.82 -7.79
C SER A 910 3.06 -8.14 -9.16
N LEU A 911 3.27 -8.91 -10.23
CA LEU A 911 3.43 -8.34 -11.57
C LEU A 911 2.11 -7.90 -12.21
N PRO A 912 1.02 -8.68 -12.12
CA PRO A 912 -0.23 -8.22 -12.76
C PRO A 912 -0.72 -6.86 -12.28
N ILE A 913 -0.65 -6.58 -10.98
CA ILE A 913 -1.10 -5.28 -10.48
C ILE A 913 -0.18 -4.15 -10.93
N LEU A 914 1.13 -4.37 -10.97
CA LEU A 914 2.05 -3.35 -11.46
C LEU A 914 1.82 -3.06 -12.95
N ALA A 915 1.57 -4.10 -13.75
CA ALA A 915 1.26 -3.90 -15.15
C ALA A 915 -0.07 -3.21 -15.36
N TYR A 916 -1.08 -3.52 -14.53
CA TYR A 916 -2.35 -2.83 -14.61
C TYR A 916 -2.21 -1.35 -14.25
N SER A 917 -1.42 -1.06 -13.22
CA SER A 917 -1.36 0.30 -12.69
C SER A 917 -0.41 1.21 -13.47
N LEU A 918 0.34 0.67 -14.44
CA LEU A 918 1.20 1.49 -15.27
C LEU A 918 0.61 1.81 -16.63
N LEU A 919 -0.32 0.99 -17.14
CA LEU A 919 -0.94 1.27 -18.43
C LEU A 919 -2.31 0.59 -18.44
N GLU A 920 -3.36 1.41 -18.28
CA GLU A 920 -4.74 0.90 -18.28
C GLU A 920 -5.66 2.09 -18.54
N GLN A 921 -6.25 2.13 -19.74
CA GLN A 921 -7.21 3.18 -20.07
C GLN A 921 -8.60 2.81 -19.57
N HIS A 922 -8.95 3.26 -18.36
CA HIS A 922 -10.30 3.07 -17.86
C HIS A 922 -11.31 3.71 -18.79
N ILE A 923 -11.03 4.93 -19.24
CA ILE A 923 -11.75 5.56 -20.34
C ILE A 923 -10.69 6.04 -21.33
N ASN A 924 -10.93 5.78 -22.61
CA ASN A 924 -9.96 6.13 -23.65
C ASN A 924 -9.66 7.62 -23.60
N ILE A 925 -8.38 7.96 -23.74
CA ILE A 925 -7.97 9.36 -23.61
C ILE A 925 -8.56 10.22 -24.71
N ASP A 926 -8.86 9.63 -25.87
CA ASP A 926 -9.46 10.37 -26.97
C ASP A 926 -10.84 10.93 -26.61
N THR A 927 -11.64 10.21 -25.82
CA THR A 927 -12.90 10.73 -25.34
C THR A 927 -12.79 11.35 -23.95
N LEU A 928 -11.69 11.11 -23.23
CA LEU A 928 -11.46 11.83 -21.99
C LEU A 928 -11.13 13.30 -22.25
N THR A 929 -10.31 13.57 -23.28
CA THR A 929 -9.97 14.95 -23.60
C THR A 929 -11.13 15.68 -24.29
N SER A 930 -11.97 14.97 -25.04
CA SER A 930 -13.04 15.63 -25.77
C SER A 930 -14.28 15.86 -24.92
N ASP A 931 -14.35 15.25 -23.72
CA ASP A 931 -15.50 15.37 -22.82
C ASP A 931 -15.01 15.85 -21.46
N PRO A 932 -14.98 17.16 -21.21
CA PRO A 932 -14.56 17.65 -19.89
C PRO A 932 -15.50 17.25 -18.76
N ARG A 933 -16.73 16.84 -19.07
CA ARG A 933 -17.70 16.52 -18.03
C ARG A 933 -17.28 15.31 -17.20
N LEU A 934 -16.45 14.43 -17.73
CA LEU A 934 -16.09 13.20 -17.04
C LEU A 934 -15.17 13.44 -15.85
N TYR A 935 -14.65 14.66 -15.68
CA TYR A 935 -13.77 14.94 -14.55
C TYR A 935 -14.52 14.91 -13.23
N MET A 936 -15.85 15.04 -13.26
CA MET A 936 -16.63 15.09 -12.03
C MET A 936 -16.85 13.73 -11.40
N LYS A 937 -16.52 12.64 -12.11
CA LYS A 937 -16.78 11.31 -11.55
C LYS A 937 -15.86 10.99 -10.39
N ILE A 938 -14.72 11.66 -10.29
CA ILE A 938 -13.75 11.40 -9.23
C ILE A 938 -13.48 12.69 -8.45
N SER A 939 -14.50 13.56 -8.37
CA SER A 939 -14.31 14.88 -7.80
C SER A 939 -13.97 14.83 -6.31
N GLY A 940 -14.65 13.98 -5.54
CA GLY A 940 -14.48 13.99 -4.11
C GLY A 940 -13.82 12.75 -3.53
N ASN A 941 -12.79 12.24 -4.22
CA ASN A 941 -12.09 11.03 -3.78
C ASN A 941 -13.04 9.85 -3.61
N ALA A 942 -13.94 9.66 -4.57
CA ALA A 942 -14.96 8.63 -4.44
C ALA A 942 -14.37 7.23 -4.42
N MET A 943 -13.32 7.00 -5.21
CA MET A 943 -12.78 5.66 -5.36
C MET A 943 -12.15 5.11 -4.08
N LEU A 944 -11.84 5.96 -3.11
CA LEU A 944 -11.22 5.53 -1.86
C LEU A 944 -12.10 5.90 -0.67
N GLN A 945 -13.40 5.86 -0.86
CA GLN A 945 -14.35 6.27 0.18
C GLN A 945 -14.76 5.06 1.02
N LEU A 946 -15.59 5.31 2.03
CA LEU A 946 -16.02 4.28 2.96
C LEU A 946 -16.81 3.18 2.26
N GLY A 947 -17.65 3.54 1.29
CA GLY A 947 -18.40 2.56 0.53
C GLY A 947 -17.52 1.53 -0.14
N PRO A 948 -16.65 1.98 -1.05
CA PRO A 948 -15.70 1.04 -1.67
C PRO A 948 -14.79 0.33 -0.69
N PHE A 949 -14.33 1.00 0.36
CA PHE A 949 -13.48 0.32 1.33
C PHE A 949 -14.21 -0.83 2.00
N LEU A 950 -15.44 -0.61 2.45
CA LEU A 950 -16.25 -1.66 3.05
C LEU A 950 -16.56 -2.77 2.05
N TYR A 951 -16.85 -2.41 0.79
CA TYR A 951 -17.14 -3.44 -0.21
C TYR A 951 -15.94 -4.36 -0.41
N TRP A 952 -14.75 -3.78 -0.58
CA TRP A 952 -13.56 -4.61 -0.77
C TRP A 952 -13.25 -5.44 0.47
N THR A 953 -13.37 -4.84 1.68
CA THR A 953 -13.12 -5.59 2.90
C THR A 953 -14.07 -6.76 3.08
N PHE A 954 -15.37 -6.56 2.84
CA PHE A 954 -16.34 -7.64 2.94
C PHE A 954 -16.16 -8.70 1.87
N LEU A 955 -15.77 -8.30 0.65
CA LEU A 955 -15.45 -9.30 -0.37
C LEU A 955 -14.29 -10.18 0.07
N ALA A 956 -13.23 -9.55 0.59
CA ALA A 956 -12.09 -10.33 1.08
C ALA A 956 -12.48 -11.25 2.23
N ALA A 957 -13.26 -10.74 3.18
CA ALA A 957 -13.70 -11.56 4.31
C ALA A 957 -14.58 -12.72 3.88
N PHE A 958 -15.45 -12.52 2.88
CA PHE A 958 -16.28 -13.60 2.38
C PHE A 958 -15.45 -14.66 1.67
N GLU A 959 -14.53 -14.23 0.80
CA GLU A 959 -13.72 -15.20 0.06
C GLU A 959 -12.81 -15.99 0.99
N GLY A 960 -12.22 -15.34 1.99
CA GLY A 960 -11.38 -16.04 2.93
C GLY A 960 -12.10 -17.12 3.70
N THR A 961 -13.31 -16.83 4.18
CA THR A 961 -14.15 -17.83 4.82
C THR A 961 -14.55 -18.96 3.87
N VAL A 962 -14.92 -18.61 2.64
CA VAL A 962 -15.35 -19.63 1.68
C VAL A 962 -14.24 -20.61 1.39
N PHE A 963 -13.01 -20.12 1.15
CA PHE A 963 -11.89 -21.01 0.88
C PHE A 963 -11.75 -22.06 1.99
N PHE A 964 -11.54 -21.60 3.21
CA PHE A 964 -11.21 -22.50 4.32
C PHE A 964 -12.36 -23.45 4.62
N PHE A 965 -13.60 -22.96 4.65
CA PHE A 965 -14.68 -23.89 4.98
C PHE A 965 -15.00 -24.84 3.85
N GLY A 966 -14.88 -24.40 2.58
CA GLY A 966 -15.07 -25.32 1.48
C GLY A 966 -14.06 -26.44 1.46
N THR A 967 -12.80 -26.13 1.78
CA THR A 967 -11.81 -27.21 1.84
C THR A 967 -11.95 -28.05 3.10
N TYR A 968 -12.39 -27.46 4.22
CA TYR A 968 -12.60 -28.24 5.44
C TYR A 968 -13.71 -29.26 5.26
N PHE A 969 -14.83 -28.85 4.66
CA PHE A 969 -15.89 -29.82 4.38
C PHE A 969 -15.46 -30.83 3.33
N LEU A 970 -14.50 -30.47 2.47
CA LEU A 970 -14.00 -31.42 1.48
C LEU A 970 -13.07 -32.45 2.12
N PHE A 971 -12.40 -32.09 3.20
CA PHE A 971 -11.42 -32.97 3.83
C PHE A 971 -12.02 -33.86 4.91
N GLN A 972 -13.30 -34.22 4.79
CA GLN A 972 -13.93 -35.20 5.66
C GLN A 972 -14.36 -36.44 4.89
N THR A 973 -13.50 -36.90 3.97
CA THR A 973 -13.83 -38.00 3.07
C THR A 973 -13.21 -39.33 3.49
N ALA A 974 -12.10 -39.31 4.20
CA ALA A 974 -11.22 -40.43 4.56
C ALA A 974 -10.43 -40.91 3.36
N SER A 975 -10.70 -40.42 2.15
CA SER A 975 -9.93 -40.72 0.95
C SER A 975 -10.43 -39.88 -0.21
N LEU A 976 -9.53 -39.49 -1.11
CA LEU A 976 -9.90 -38.69 -2.28
C LEU A 976 -9.31 -39.23 -3.56
N GLU A 977 -8.70 -40.42 -3.51
CA GLU A 977 -8.06 -41.02 -4.67
C GLU A 977 -8.68 -42.38 -4.96
N GLU A 978 -8.36 -42.91 -6.14
CA GLU A 978 -8.82 -44.23 -6.54
C GLU A 978 -7.96 -45.34 -5.94
N ASN A 979 -6.87 -45.00 -5.26
CA ASN A 979 -6.03 -45.97 -4.59
C ASN A 979 -6.18 -45.95 -3.07
N GLY A 980 -7.10 -45.15 -2.54
CA GLY A 980 -7.38 -45.14 -1.12
C GLY A 980 -6.28 -44.64 -0.21
N LYS A 981 -5.65 -43.53 -0.57
CA LYS A 981 -4.56 -42.97 0.23
C LYS A 981 -4.96 -41.62 0.80
N VAL A 982 -4.52 -41.35 2.03
CA VAL A 982 -4.92 -40.17 2.79
C VAL A 982 -3.94 -39.03 2.54
N TYR A 983 -4.35 -37.82 2.92
CA TYR A 983 -3.58 -36.61 2.70
C TYR A 983 -3.14 -35.99 4.03
N GLY A 984 -2.02 -35.29 3.99
CA GLY A 984 -1.48 -34.58 5.14
C GLY A 984 -2.01 -33.16 5.24
N ASN A 985 -1.29 -32.33 5.98
CA ASN A 985 -1.66 -30.92 6.15
C ASN A 985 -1.08 -30.03 5.07
N TRP A 986 0.07 -30.38 4.51
CA TRP A 986 0.64 -29.61 3.43
C TRP A 986 -0.22 -29.67 2.17
N THR A 987 -0.88 -30.79 1.90
CA THR A 987 -1.86 -30.86 0.83
C THR A 987 -3.06 -29.96 1.08
N PHE A 988 -3.56 -29.91 2.31
CA PHE A 988 -4.62 -28.98 2.68
C PHE A 988 -4.21 -27.55 2.40
N GLY A 989 -3.02 -27.16 2.88
CA GLY A 989 -2.49 -25.83 2.62
C GLY A 989 -2.29 -25.52 1.15
N THR A 990 -1.79 -26.48 0.38
CA THR A 990 -1.62 -26.29 -1.06
C THR A 990 -2.95 -26.12 -1.78
N ILE A 991 -3.98 -26.87 -1.38
CA ILE A 991 -5.31 -26.69 -1.96
C ILE A 991 -5.82 -25.28 -1.69
N VAL A 992 -5.71 -24.84 -0.43
CA VAL A 992 -6.15 -23.49 -0.09
C VAL A 992 -5.37 -22.44 -0.87
N PHE A 993 -4.05 -22.58 -0.96
CA PHE A 993 -3.22 -21.64 -1.70
C PHE A 993 -3.53 -21.60 -3.19
N THR A 994 -3.76 -22.75 -3.81
CA THR A 994 -4.12 -22.77 -5.23
C THR A 994 -5.45 -22.06 -5.47
N VAL A 995 -6.46 -22.37 -4.65
CA VAL A 995 -7.74 -21.69 -4.81
C VAL A 995 -7.57 -20.19 -4.62
N LEU A 996 -6.80 -19.80 -3.61
CA LEU A 996 -6.51 -18.39 -3.33
C LEU A 996 -5.87 -17.69 -4.53
N VAL A 997 -4.80 -18.26 -5.07
CA VAL A 997 -4.11 -17.61 -6.18
C VAL A 997 -5.00 -17.50 -7.40
N PHE A 998 -5.72 -18.57 -7.74
CA PHE A 998 -6.60 -18.49 -8.90
C PHE A 998 -7.70 -17.46 -8.71
N THR A 999 -8.31 -17.39 -7.52
CA THR A 999 -9.37 -16.41 -7.29
C THR A 999 -8.83 -14.98 -7.37
N VAL A 1000 -7.71 -14.70 -6.72
CA VAL A 1000 -7.19 -13.34 -6.72
C VAL A 1000 -6.67 -12.92 -8.08
N THR A 1001 -6.19 -13.86 -8.90
CA THR A 1001 -5.79 -13.50 -10.26
C THR A 1001 -7.01 -13.26 -11.15
N LEU A 1002 -8.02 -14.12 -11.06
CA LEU A 1002 -9.20 -13.96 -11.89
C LEU A 1002 -10.02 -12.73 -11.53
N LYS A 1003 -9.97 -12.29 -10.26
CA LYS A 1003 -10.65 -11.05 -9.91
C LYS A 1003 -10.10 -9.86 -10.69
N LEU A 1004 -8.78 -9.70 -10.71
CA LEU A 1004 -8.17 -8.64 -11.51
C LEU A 1004 -8.34 -8.87 -13.01
N ALA A 1005 -8.30 -10.12 -13.46
CA ALA A 1005 -8.58 -10.41 -14.86
C ALA A 1005 -9.98 -9.96 -15.28
N LEU A 1006 -10.97 -10.13 -14.41
CA LEU A 1006 -12.31 -9.61 -14.67
C LEU A 1006 -12.36 -8.09 -14.59
N ASP A 1007 -11.65 -7.48 -13.64
CA ASP A 1007 -11.67 -6.03 -13.50
C ASP A 1007 -10.93 -5.30 -14.62
N THR A 1008 -10.02 -5.97 -15.32
CA THR A 1008 -9.26 -5.32 -16.38
C THR A 1008 -10.19 -4.94 -17.54
N ARG A 1009 -9.98 -3.75 -18.11
CA ARG A 1009 -10.82 -3.23 -19.17
C ARG A 1009 -10.05 -2.81 -20.42
N PHE A 1010 -8.71 -2.76 -20.36
CA PHE A 1010 -7.90 -2.33 -21.50
C PHE A 1010 -6.77 -3.35 -21.62
N TRP A 1011 -7.01 -4.39 -22.43
CA TRP A 1011 -6.11 -5.55 -22.51
C TRP A 1011 -5.06 -5.31 -23.59
N THR A 1012 -3.82 -5.13 -23.17
CA THR A 1012 -2.69 -5.08 -24.07
C THR A 1012 -1.93 -6.42 -24.05
N TRP A 1013 -0.98 -6.55 -24.97
CA TRP A 1013 -0.16 -7.76 -24.99
C TRP A 1013 0.65 -7.90 -23.72
N ILE A 1014 1.10 -6.80 -23.12
CA ILE A 1014 1.76 -6.86 -21.83
C ILE A 1014 0.84 -7.39 -20.74
N ASN A 1015 -0.41 -6.92 -20.69
CA ASN A 1015 -1.36 -7.44 -19.73
C ASN A 1015 -1.63 -8.92 -19.92
N HIS A 1016 -1.84 -9.36 -21.17
CA HIS A 1016 -2.00 -10.79 -21.44
C HIS A 1016 -0.80 -11.57 -20.93
N PHE A 1017 0.41 -11.13 -21.30
CA PHE A 1017 1.62 -11.84 -20.92
C PHE A 1017 1.74 -11.96 -19.42
N VAL A 1018 1.64 -10.84 -18.70
CA VAL A 1018 1.82 -10.90 -17.26
C VAL A 1018 0.73 -11.73 -16.58
N ILE A 1019 -0.54 -11.52 -16.96
CA ILE A 1019 -1.63 -12.18 -16.24
C ILE A 1019 -1.59 -13.69 -16.45
N TRP A 1020 -1.38 -14.14 -17.69
CA TRP A 1020 -1.34 -15.58 -17.91
C TRP A 1020 -0.02 -16.21 -17.48
N GLY A 1021 1.09 -15.49 -17.61
CA GLY A 1021 2.37 -16.00 -17.19
C GLY A 1021 2.47 -16.13 -15.68
N SER A 1022 1.74 -15.31 -14.93
CA SER A 1022 1.73 -15.51 -13.48
C SER A 1022 1.17 -16.87 -13.11
N LEU A 1023 0.03 -17.25 -13.69
CA LEU A 1023 -0.56 -18.56 -13.41
C LEU A 1023 0.31 -19.69 -13.94
N ALA A 1024 0.83 -19.54 -15.17
CA ALA A 1024 1.70 -20.57 -15.73
C ALA A 1024 2.96 -20.77 -14.90
N PHE A 1025 3.60 -19.69 -14.46
CA PHE A 1025 4.77 -19.75 -13.61
C PHE A 1025 4.45 -20.34 -12.25
N TYR A 1026 3.29 -20.01 -11.67
CA TYR A 1026 2.92 -20.64 -10.41
C TYR A 1026 2.79 -22.15 -10.56
N VAL A 1027 2.12 -22.62 -11.60
CA VAL A 1027 1.97 -24.05 -11.81
C VAL A 1027 3.33 -24.71 -12.04
N PHE A 1028 4.16 -24.11 -12.89
CA PHE A 1028 5.46 -24.70 -13.18
C PHE A 1028 6.36 -24.71 -11.95
N PHE A 1029 6.33 -23.63 -11.16
CA PHE A 1029 7.13 -23.56 -9.95
C PHE A 1029 6.67 -24.59 -8.93
N SER A 1030 5.36 -24.80 -8.81
CA SER A 1030 4.89 -25.86 -7.93
C SER A 1030 5.38 -27.23 -8.40
N PHE A 1031 5.27 -27.52 -9.69
CA PHE A 1031 5.74 -28.80 -10.21
C PHE A 1031 7.24 -28.97 -10.07
N PHE A 1032 8.00 -27.87 -10.12
CA PHE A 1032 9.46 -27.95 -10.06
C PHE A 1032 9.95 -28.07 -8.62
N TRP A 1033 9.43 -27.24 -7.73
CA TRP A 1033 9.76 -27.34 -6.31
C TRP A 1033 9.33 -28.69 -5.75
N GLY A 1034 8.16 -29.17 -6.14
CA GLY A 1034 7.70 -30.47 -5.71
C GLY A 1034 8.08 -31.58 -6.67
N GLY A 1035 9.12 -32.32 -6.33
CA GLY A 1035 9.56 -33.42 -7.18
C GLY A 1035 11.06 -33.61 -7.23
N ILE A 1036 11.81 -32.68 -6.64
CA ILE A 1036 13.27 -32.75 -6.62
C ILE A 1036 13.75 -32.55 -5.19
N ILE A 1037 14.60 -33.47 -4.74
CA ILE A 1037 15.31 -33.34 -3.47
C ILE A 1037 16.65 -32.68 -3.76
N TRP A 1038 16.91 -31.53 -3.13
CA TRP A 1038 18.01 -30.69 -3.59
C TRP A 1038 19.37 -31.31 -3.29
N PRO A 1039 19.72 -31.67 -2.04
CA PRO A 1039 19.12 -31.31 -0.74
C PRO A 1039 19.93 -30.22 -0.02
N PHE A 1040 19.35 -29.06 0.27
CA PHE A 1040 20.02 -28.09 1.14
C PHE A 1040 19.11 -27.59 2.26
N LEU A 1041 17.94 -28.20 2.45
CA LEU A 1041 17.01 -27.80 3.48
C LEU A 1041 16.98 -28.86 4.59
N LYS A 1042 16.57 -28.42 5.78
CA LYS A 1042 16.48 -29.32 6.93
C LYS A 1042 15.25 -30.21 6.88
N GLN A 1043 14.35 -30.00 5.92
CA GLN A 1043 13.12 -30.78 5.83
C GLN A 1043 12.72 -30.93 4.36
N GLN A 1044 11.92 -31.96 4.09
CA GLN A 1044 11.42 -32.28 2.76
C GLN A 1044 9.91 -32.46 2.79
N ARG A 1045 9.22 -31.51 3.44
CA ARG A 1045 7.77 -31.63 3.61
C ARG A 1045 7.00 -31.54 2.30
N MET A 1046 7.46 -30.71 1.37
CA MET A 1046 6.75 -30.46 0.12
C MET A 1046 7.40 -31.18 -1.07
N TYR A 1047 7.89 -32.40 -0.86
CA TYR A 1047 8.62 -33.10 -1.92
C TYR A 1047 7.73 -33.40 -3.12
N PHE A 1048 6.51 -33.89 -2.87
CA PHE A 1048 5.64 -34.32 -3.94
C PHE A 1048 4.18 -33.93 -3.69
N VAL A 1049 3.98 -32.91 -2.85
CA VAL A 1049 2.63 -32.55 -2.42
C VAL A 1049 1.80 -32.07 -3.59
N PHE A 1050 2.34 -31.15 -4.40
CA PHE A 1050 1.57 -30.60 -5.51
C PHE A 1050 1.26 -31.63 -6.58
N ALA A 1051 2.21 -32.51 -6.89
CA ALA A 1051 1.97 -33.52 -7.92
C ALA A 1051 1.02 -34.60 -7.43
N GLN A 1052 1.08 -34.95 -6.15
CA GLN A 1052 0.14 -35.93 -5.61
C GLN A 1052 -1.26 -35.32 -5.47
N MET A 1053 -1.33 -34.01 -5.27
CA MET A 1053 -2.61 -33.34 -5.08
C MET A 1053 -3.43 -33.30 -6.37
N LEU A 1054 -2.75 -33.22 -7.52
CA LEU A 1054 -3.41 -33.07 -8.81
C LEU A 1054 -3.85 -34.39 -9.42
N SER A 1055 -3.66 -35.51 -8.74
CA SER A 1055 -4.01 -36.82 -9.25
C SER A 1055 -5.41 -37.26 -8.82
N SER A 1056 -6.27 -36.33 -8.42
CA SER A 1056 -7.60 -36.67 -7.91
C SER A 1056 -8.66 -35.79 -8.55
N VAL A 1057 -9.60 -36.44 -9.26
CA VAL A 1057 -10.71 -35.74 -9.88
C VAL A 1057 -11.56 -35.01 -8.86
N SER A 1058 -11.67 -35.56 -7.65
CA SER A 1058 -12.41 -34.88 -6.59
C SER A 1058 -11.82 -33.52 -6.25
N THR A 1059 -10.50 -33.43 -6.05
CA THR A 1059 -9.86 -32.15 -5.82
C THR A 1059 -9.96 -31.23 -7.03
N TRP A 1060 -9.79 -31.77 -8.24
CA TRP A 1060 -9.96 -30.93 -9.43
C TRP A 1060 -11.34 -30.28 -9.46
N LEU A 1061 -12.39 -31.09 -9.27
CA LEU A 1061 -13.76 -30.58 -9.32
C LEU A 1061 -14.04 -29.61 -8.18
N ALA A 1062 -13.54 -29.91 -6.98
CA ALA A 1062 -13.74 -29.00 -5.85
C ALA A 1062 -13.07 -27.65 -6.09
N ILE A 1063 -11.85 -27.65 -6.62
CA ILE A 1063 -11.17 -26.39 -6.93
C ILE A 1063 -11.93 -25.61 -7.99
N ILE A 1064 -12.38 -26.30 -9.04
CA ILE A 1064 -13.13 -25.62 -10.09
C ILE A 1064 -14.42 -25.02 -9.54
N LEU A 1065 -15.11 -25.74 -8.66
CA LEU A 1065 -16.31 -25.22 -8.02
C LEU A 1065 -16.01 -24.01 -7.15
N LEU A 1066 -14.91 -24.04 -6.40
CA LEU A 1066 -14.58 -22.95 -5.49
C LEU A 1066 -14.19 -21.66 -6.22
N ILE A 1067 -13.42 -21.74 -7.31
CA ILE A 1067 -13.04 -20.54 -8.04
C ILE A 1067 -14.26 -19.86 -8.68
N PHE A 1068 -15.38 -20.55 -8.76
CA PHE A 1068 -16.63 -19.94 -9.22
C PHE A 1068 -17.47 -19.46 -8.06
N ILE A 1069 -17.57 -20.25 -6.99
CA ILE A 1069 -18.33 -19.83 -5.81
C ILE A 1069 -17.79 -18.51 -5.27
N SER A 1070 -16.47 -18.35 -5.24
CA SER A 1070 -15.87 -17.16 -4.66
C SER A 1070 -16.15 -15.90 -5.48
N LEU A 1071 -16.17 -16.03 -6.82
CA LEU A 1071 -16.33 -14.88 -7.71
C LEU A 1071 -17.79 -14.56 -8.02
N PHE A 1072 -18.73 -15.31 -7.45
CA PHE A 1072 -20.14 -15.13 -7.73
C PHE A 1072 -20.64 -13.74 -7.33
N PRO A 1073 -20.26 -13.20 -6.16
CA PRO A 1073 -20.65 -11.81 -5.86
C PRO A 1073 -20.19 -10.81 -6.92
N GLU A 1074 -18.95 -10.91 -7.40
CA GLU A 1074 -18.45 -10.02 -8.42
C GLU A 1074 -19.19 -10.19 -9.74
N ILE A 1075 -19.45 -11.43 -10.16
CA ILE A 1075 -20.19 -11.64 -11.39
C ILE A 1075 -21.61 -11.10 -11.29
N LEU A 1076 -22.26 -11.29 -10.15
CA LEU A 1076 -23.61 -10.75 -9.97
C LEU A 1076 -23.61 -9.23 -9.97
N LEU A 1077 -22.62 -8.62 -9.33
CA LEU A 1077 -22.53 -7.17 -9.33
C LEU A 1077 -22.28 -6.61 -10.72
N ILE A 1078 -21.45 -7.30 -11.52
CA ILE A 1078 -21.21 -6.84 -12.89
C ILE A 1078 -22.51 -6.80 -13.67
N VAL A 1079 -23.34 -7.84 -13.55
CA VAL A 1079 -24.62 -7.85 -14.23
C VAL A 1079 -25.56 -6.77 -13.70
N LEU A 1080 -25.65 -6.62 -12.38
CA LEU A 1080 -26.57 -5.63 -11.80
C LEU A 1080 -26.15 -4.21 -12.16
N LYS A 1081 -24.86 -3.97 -12.40
CA LYS A 1081 -24.42 -2.65 -12.82
C LYS A 1081 -24.71 -2.34 -14.28
N ASN A 1082 -25.49 -3.18 -14.98
CA ASN A 1082 -25.80 -2.95 -16.39
C ASN A 1082 -27.29 -2.74 -16.62
N VAL A 1083 -28.07 -2.50 -15.56
CA VAL A 1083 -29.49 -2.24 -15.70
C VAL A 1083 -29.95 -1.33 -14.56
N ARG A 1084 -30.87 -0.42 -14.86
CA ARG A 1084 -31.40 0.54 -13.90
C ARG A 1084 -30.30 1.30 -13.16
N ARG B 27 10.09 15.61 -33.60
CA ARG B 27 11.36 15.05 -33.11
C ARG B 27 11.16 14.08 -31.95
N PRO B 28 10.20 14.35 -31.01
CA PRO B 28 9.85 13.34 -30.02
C PRO B 28 9.47 12.02 -30.66
N ASP B 29 9.88 10.91 -30.04
CA ASP B 29 9.61 9.58 -30.59
C ASP B 29 8.12 9.27 -30.58
N ASN B 30 7.52 9.13 -31.76
CA ASN B 30 6.10 8.79 -31.87
C ASN B 30 5.93 7.28 -31.80
N THR B 31 6.33 6.73 -30.66
CA THR B 31 6.18 5.31 -30.37
C THR B 31 4.87 5.09 -29.62
N ALA B 32 4.13 4.06 -30.01
CA ALA B 32 2.82 3.79 -29.41
C ALA B 32 2.94 3.58 -27.91
N PHE B 33 4.02 2.93 -27.46
CA PHE B 33 4.22 2.74 -26.03
C PHE B 33 4.45 4.05 -25.32
N LYS B 34 5.28 4.93 -25.88
CA LYS B 34 5.59 6.19 -25.21
C LYS B 34 4.39 7.13 -25.20
N GLN B 35 3.58 7.12 -26.26
CA GLN B 35 2.43 8.01 -26.36
C GLN B 35 1.16 7.40 -25.79
N GLN B 36 1.25 6.23 -25.15
CA GLN B 36 0.09 5.54 -24.59
C GLN B 36 -0.94 5.23 -25.67
N ARG B 37 -0.49 4.61 -26.75
CA ARG B 37 -1.35 4.29 -27.88
C ARG B 37 -1.10 2.86 -28.36
N LEU B 38 -0.86 1.95 -27.41
CA LEU B 38 -0.73 0.55 -27.75
C LEU B 38 -2.09 -0.04 -28.11
N PRO B 39 -2.17 -0.78 -29.21
CA PRO B 39 -3.45 -1.42 -29.59
C PRO B 39 -3.91 -2.38 -28.51
N ALA B 40 -5.23 -2.40 -28.28
CA ALA B 40 -5.81 -3.22 -27.22
C ALA B 40 -7.11 -3.83 -27.71
N TRP B 41 -7.61 -4.79 -26.93
CA TRP B 41 -8.86 -5.47 -27.24
C TRP B 41 -10.06 -4.67 -26.72
N GLN B 42 -9.99 -4.21 -25.47
CA GLN B 42 -11.03 -3.42 -24.82
C GLN B 42 -12.36 -4.16 -24.85
N PRO B 43 -12.50 -5.23 -24.07
CA PRO B 43 -13.76 -5.96 -24.04
C PRO B 43 -14.81 -5.23 -23.22
N ILE B 44 -16.05 -5.31 -23.68
CA ILE B 44 -17.20 -4.70 -23.00
C ILE B 44 -18.25 -5.78 -22.80
N LEU B 45 -18.25 -6.37 -21.60
CA LEU B 45 -19.24 -7.37 -21.25
C LEU B 45 -20.50 -6.70 -20.72
N THR B 46 -21.66 -7.18 -21.17
CA THR B 46 -22.94 -6.59 -20.79
C THR B 46 -23.89 -7.71 -20.36
N ALA B 47 -25.02 -7.30 -19.78
CA ALA B 47 -26.03 -8.26 -19.35
C ALA B 47 -26.57 -9.06 -20.54
N GLY B 48 -26.84 -8.37 -21.65
CA GLY B 48 -27.36 -9.04 -22.83
C GLY B 48 -26.40 -9.98 -23.51
N THR B 49 -25.12 -9.98 -23.09
CA THR B 49 -24.13 -10.88 -23.64
C THR B 49 -23.61 -11.90 -22.62
N VAL B 50 -23.86 -11.68 -21.33
CA VAL B 50 -23.37 -12.58 -20.29
C VAL B 50 -24.54 -13.37 -19.72
N LEU B 51 -25.76 -13.01 -20.12
CA LEU B 51 -26.93 -13.74 -19.65
C LEU B 51 -26.92 -15.23 -19.98
N PRO B 52 -26.55 -15.68 -21.18
CA PRO B 52 -26.52 -17.14 -21.44
C PRO B 52 -25.53 -17.89 -20.56
N ILE B 53 -24.51 -17.21 -20.03
CA ILE B 53 -23.55 -17.88 -19.15
C ILE B 53 -24.23 -18.40 -17.89
N PHE B 54 -25.10 -17.59 -17.28
CA PHE B 54 -25.82 -18.00 -16.09
C PHE B 54 -26.68 -19.24 -16.31
N PHE B 55 -27.17 -19.47 -17.53
CA PHE B 55 -27.92 -20.67 -17.86
C PHE B 55 -27.01 -21.85 -18.18
N ILE B 56 -25.98 -21.63 -18.99
CA ILE B 56 -25.09 -22.73 -19.39
C ILE B 56 -24.36 -23.30 -18.18
N ILE B 57 -23.96 -22.44 -17.24
CA ILE B 57 -23.28 -22.93 -16.05
C ILE B 57 -24.20 -23.80 -15.21
N GLY B 58 -25.44 -23.37 -15.02
CA GLY B 58 -26.39 -24.18 -14.28
C GLY B 58 -26.66 -25.51 -14.95
N LEU B 59 -26.84 -25.50 -16.28
CA LEU B 59 -27.13 -26.74 -17.00
C LEU B 59 -25.91 -27.65 -17.15
N ILE B 60 -24.70 -27.15 -16.93
CA ILE B 60 -23.54 -28.05 -16.98
C ILE B 60 -23.22 -28.51 -15.56
N PHE B 61 -23.64 -27.75 -14.56
CA PHE B 61 -23.35 -28.07 -13.17
C PHE B 61 -24.35 -29.02 -12.55
N ILE B 62 -25.63 -28.90 -12.86
CA ILE B 62 -26.66 -29.73 -12.23
C ILE B 62 -26.44 -31.21 -12.54
N PRO B 63 -26.25 -31.61 -13.81
CA PRO B 63 -26.01 -33.06 -14.05
C PRO B 63 -24.78 -33.60 -13.34
N ILE B 64 -23.71 -32.79 -13.25
CA ILE B 64 -22.52 -33.23 -12.54
C ILE B 64 -22.84 -33.44 -11.07
N GLY B 65 -23.61 -32.53 -10.47
CA GLY B 65 -23.99 -32.70 -9.08
C GLY B 65 -24.83 -33.94 -8.85
N ILE B 66 -25.79 -34.19 -9.74
CA ILE B 66 -26.61 -35.39 -9.60
C ILE B 66 -25.75 -36.65 -9.72
N GLY B 67 -24.85 -36.69 -10.70
CA GLY B 67 -24.01 -37.85 -10.87
C GLY B 67 -23.10 -38.09 -9.66
N ILE B 68 -22.48 -37.03 -9.16
CA ILE B 68 -21.61 -37.14 -7.99
C ILE B 68 -22.37 -37.57 -6.74
N PHE B 69 -23.55 -37.00 -6.48
CA PHE B 69 -24.34 -37.38 -5.32
C PHE B 69 -24.86 -38.80 -5.42
N VAL B 70 -25.21 -39.26 -6.63
CA VAL B 70 -25.63 -40.65 -6.80
C VAL B 70 -24.45 -41.59 -6.57
N THR B 71 -23.27 -41.21 -7.05
CA THR B 71 -22.08 -42.02 -6.83
C THR B 71 -21.76 -42.14 -5.34
N SER B 72 -21.95 -41.05 -4.60
CA SER B 72 -21.64 -41.05 -3.16
C SER B 72 -22.58 -41.92 -2.35
N ASN B 73 -23.70 -42.36 -2.92
CA ASN B 73 -24.67 -43.15 -2.16
C ASN B 73 -24.52 -44.65 -2.39
N ASN B 74 -23.71 -45.06 -3.37
CA ASN B 74 -23.49 -46.48 -3.65
C ASN B 74 -22.20 -47.01 -3.04
N ILE B 75 -21.67 -46.32 -2.02
CA ILE B 75 -20.44 -46.72 -1.34
C ILE B 75 -20.85 -47.23 0.04
N ARG B 76 -20.43 -48.45 0.37
CA ARG B 76 -20.75 -49.01 1.67
C ARG B 76 -19.59 -48.83 2.64
N GLU B 77 -19.94 -48.50 3.89
CA GLU B 77 -18.93 -48.19 4.88
C GLU B 77 -19.50 -48.45 6.27
N ILE B 78 -18.66 -48.99 7.15
CA ILE B 78 -19.03 -49.27 8.52
C ILE B 78 -17.86 -48.89 9.42
N GLU B 79 -18.18 -48.27 10.56
CA GLU B 79 -17.17 -47.89 11.54
C GLU B 79 -17.53 -48.52 12.88
N ILE B 80 -16.53 -49.10 13.54
CA ILE B 80 -16.71 -49.80 14.82
C ILE B 80 -15.89 -49.05 15.85
N ASP B 81 -16.55 -48.47 16.85
CA ASP B 81 -15.85 -47.83 17.96
C ASP B 81 -15.52 -48.87 19.02
N TYR B 82 -14.23 -49.02 19.33
CA TYR B 82 -13.77 -50.07 20.23
C TYR B 82 -12.89 -49.51 21.34
N THR B 83 -13.01 -48.22 21.61
CA THR B 83 -12.23 -47.60 22.68
C THR B 83 -12.58 -48.15 24.06
N GLY B 84 -13.86 -48.33 24.35
CA GLY B 84 -14.24 -48.84 25.67
C GLY B 84 -15.04 -47.81 26.42
N THR B 85 -14.47 -47.32 27.53
CA THR B 85 -15.00 -46.30 28.44
C THR B 85 -16.48 -46.45 28.73
N GLU B 86 -17.01 -47.67 28.74
CA GLU B 86 -18.43 -47.90 28.98
C GLU B 86 -18.59 -49.30 29.57
N PRO B 87 -19.26 -49.45 30.72
CA PRO B 87 -19.30 -50.77 31.38
C PRO B 87 -20.06 -51.84 30.60
N SER B 88 -20.82 -51.45 29.59
CA SER B 88 -21.52 -52.42 28.75
C SER B 88 -20.71 -52.83 27.53
N SER B 89 -19.49 -52.31 27.38
CA SER B 89 -18.63 -52.62 26.24
C SER B 89 -17.67 -53.76 26.59
N PRO B 90 -17.33 -54.61 25.63
CA PRO B 90 -16.41 -55.72 25.93
C PRO B 90 -15.01 -55.27 26.28
N CYS B 91 -14.61 -54.05 25.90
CA CYS B 91 -13.27 -53.57 26.14
C CYS B 91 -13.15 -52.75 27.42
N ASN B 92 -14.16 -52.76 28.29
CA ASN B 92 -14.03 -52.11 29.58
C ASN B 92 -12.96 -52.77 30.45
N LYS B 93 -12.71 -54.07 30.23
CA LYS B 93 -11.61 -54.75 30.91
C LYS B 93 -10.26 -54.41 30.31
N CYS B 94 -10.22 -53.76 29.15
CA CYS B 94 -8.98 -53.41 28.47
C CYS B 94 -8.52 -51.99 28.79
N LEU B 95 -9.27 -51.26 29.60
CA LEU B 95 -8.98 -49.84 29.82
C LEU B 95 -7.74 -49.62 30.68
N SER B 96 -7.48 -50.50 31.65
CA SER B 96 -6.38 -50.30 32.60
C SER B 96 -5.80 -51.64 33.01
N PRO B 97 -4.89 -52.19 32.19
CA PRO B 97 -4.11 -53.35 32.63
C PRO B 97 -2.80 -52.91 33.26
N ASP B 98 -2.12 -53.86 33.90
CA ASP B 98 -0.85 -53.58 34.55
C ASP B 98 0.33 -54.28 33.88
N VAL B 99 0.32 -55.60 33.82
CA VAL B 99 1.37 -56.36 33.12
C VAL B 99 0.70 -57.39 32.23
N THR B 100 -0.60 -57.24 32.01
CA THR B 100 -1.38 -58.20 31.24
C THR B 100 -1.63 -57.67 29.84
N PRO B 101 -1.13 -58.35 28.80
CA PRO B 101 -1.44 -57.91 27.43
C PRO B 101 -2.90 -58.17 27.10
N CYS B 102 -3.65 -57.09 26.94
CA CYS B 102 -5.11 -57.15 26.84
C CYS B 102 -5.56 -57.56 25.45
N PHE B 103 -6.63 -58.35 25.40
CA PHE B 103 -7.27 -58.75 24.16
C PHE B 103 -8.76 -58.47 24.24
N CYS B 104 -9.32 -58.01 23.13
CA CYS B 104 -10.76 -57.77 23.00
C CYS B 104 -11.32 -58.64 21.88
N THR B 105 -12.64 -58.62 21.76
CA THR B 105 -13.33 -59.28 20.65
C THR B 105 -14.72 -58.66 20.56
N ILE B 106 -15.00 -58.00 19.44
CA ILE B 106 -16.25 -57.27 19.25
C ILE B 106 -16.97 -57.91 18.07
N ASN B 107 -18.21 -58.33 18.29
CA ASN B 107 -19.03 -58.89 17.22
C ASN B 107 -19.76 -57.76 16.49
N PHE B 108 -19.89 -57.90 15.17
CA PHE B 108 -20.67 -56.96 14.39
C PHE B 108 -21.20 -57.67 13.16
N THR B 109 -22.26 -57.10 12.58
CA THR B 109 -22.97 -57.72 11.46
C THR B 109 -22.98 -56.79 10.27
N LEU B 110 -22.88 -57.38 9.08
CA LEU B 110 -22.97 -56.64 7.82
C LEU B 110 -24.28 -57.00 7.14
N GLU B 111 -25.04 -55.98 6.73
CA GLU B 111 -26.34 -56.22 6.12
C GLU B 111 -26.20 -56.45 4.61
N LYS B 112 -25.55 -55.53 3.91
CA LYS B 112 -25.31 -55.65 2.49
C LYS B 112 -23.83 -55.93 2.25
N SER B 113 -23.55 -56.88 1.36
CA SER B 113 -22.18 -57.32 1.15
C SER B 113 -21.38 -56.26 0.40
N PHE B 114 -20.06 -56.35 0.54
CA PHE B 114 -19.13 -55.44 -0.13
C PHE B 114 -18.66 -56.12 -1.41
N GLU B 115 -18.85 -55.45 -2.55
CA GLU B 115 -18.42 -56.01 -3.82
C GLU B 115 -17.11 -55.39 -4.32
N GLY B 116 -16.97 -54.06 -4.19
CA GLY B 116 -15.77 -53.38 -4.60
C GLY B 116 -14.58 -53.68 -3.72
N ASN B 117 -13.51 -52.92 -3.91
CA ASN B 117 -12.31 -53.13 -3.11
C ASN B 117 -12.53 -52.63 -1.69
N VAL B 118 -11.83 -53.22 -0.74
CA VAL B 118 -12.04 -52.92 0.66
C VAL B 118 -10.74 -52.44 1.28
N PHE B 119 -10.80 -51.31 1.96
CA PHE B 119 -9.64 -50.68 2.59
C PHE B 119 -9.89 -50.58 4.08
N MET B 120 -8.94 -51.06 4.87
CA MET B 120 -9.06 -51.02 6.33
C MET B 120 -8.42 -49.76 6.87
N TYR B 121 -9.17 -49.01 7.67
CA TYR B 121 -8.72 -47.77 8.27
C TYR B 121 -8.73 -47.88 9.79
N TYR B 122 -7.96 -47.02 10.45
CA TYR B 122 -8.07 -46.83 11.88
C TYR B 122 -8.10 -45.33 12.15
N GLY B 123 -9.04 -44.90 12.97
CA GLY B 123 -9.28 -43.49 13.22
C GLY B 123 -9.05 -43.14 14.68
N LEU B 124 -8.57 -41.92 14.92
CA LEU B 124 -8.37 -41.39 16.25
C LEU B 124 -9.09 -40.06 16.37
N SER B 125 -9.61 -39.77 17.56
CA SER B 125 -10.35 -38.54 17.83
C SER B 125 -9.65 -37.76 18.93
N ASN B 126 -9.74 -36.43 18.85
CA ASN B 126 -9.13 -35.53 19.81
C ASN B 126 -7.62 -35.72 19.89
N PHE B 127 -6.99 -36.10 18.78
CA PHE B 127 -5.55 -36.30 18.70
C PHE B 127 -4.99 -35.22 17.79
N TYR B 128 -4.26 -34.28 18.38
CA TYR B 128 -3.79 -33.10 17.64
C TYR B 128 -2.47 -33.43 16.97
N GLN B 129 -2.57 -33.92 15.72
CA GLN B 129 -1.40 -34.21 14.91
C GLN B 129 -0.80 -32.97 14.27
N ASN B 130 -1.51 -31.85 14.26
CA ASN B 130 -1.07 -30.64 13.59
C ASN B 130 -0.55 -29.57 14.54
N HIS B 131 -0.31 -29.91 15.80
CA HIS B 131 0.25 -28.94 16.74
C HIS B 131 1.65 -28.53 16.28
N ARG B 132 2.00 -27.27 16.56
CA ARG B 132 3.26 -26.74 16.05
C ARG B 132 4.46 -27.43 16.70
N ARG B 133 4.40 -27.62 18.03
CA ARG B 133 5.52 -28.24 18.73
C ARG B 133 5.68 -29.71 18.36
N TYR B 134 4.65 -30.33 17.77
CA TYR B 134 4.64 -31.74 17.45
C TYR B 134 4.92 -32.02 15.97
N VAL B 135 4.53 -31.11 15.09
CA VAL B 135 4.76 -31.30 13.65
C VAL B 135 6.24 -31.16 13.31
N LYS B 136 6.90 -30.13 13.85
CA LYS B 136 8.28 -29.84 13.52
C LYS B 136 9.28 -30.76 14.23
N SER B 137 8.80 -31.61 15.14
CA SER B 137 9.70 -32.48 15.89
C SER B 137 10.09 -33.69 15.06
N ARG B 138 10.90 -33.48 14.03
CA ARG B 138 11.36 -34.57 13.17
C ARG B 138 12.64 -34.13 12.46
N ASP B 139 13.34 -35.11 11.89
CA ASP B 139 14.56 -34.87 11.12
C ASP B 139 14.36 -35.58 9.78
N ASP B 140 13.93 -34.83 8.77
CA ASP B 140 13.67 -35.42 7.46
C ASP B 140 14.95 -35.83 6.75
N SER B 141 16.07 -35.19 7.06
CA SER B 141 17.33 -35.56 6.43
C SER B 141 17.86 -36.90 6.94
N GLN B 142 17.67 -37.18 8.23
CA GLN B 142 18.13 -38.45 8.78
C GLN B 142 17.34 -39.62 8.22
N LEU B 143 16.03 -39.45 8.05
CA LEU B 143 15.21 -40.48 7.43
C LEU B 143 15.53 -40.66 5.95
N ASN B 144 16.29 -39.74 5.36
CA ASN B 144 16.72 -39.85 3.97
C ASN B 144 17.99 -40.69 3.82
N GLY B 145 18.52 -41.23 4.91
CA GLY B 145 19.71 -42.06 4.84
C GLY B 145 21.01 -41.30 4.90
N ASP B 146 20.99 -40.06 5.39
CA ASP B 146 22.20 -39.26 5.46
C ASP B 146 23.07 -39.81 6.59
N SER B 147 24.31 -40.16 6.26
CA SER B 147 25.22 -40.73 7.25
C SER B 147 25.56 -39.75 8.36
N SER B 148 25.80 -38.48 8.02
CA SER B 148 26.12 -37.48 9.04
C SER B 148 24.97 -37.29 10.02
N ALA B 149 23.73 -37.25 9.51
CA ALA B 149 22.58 -37.07 10.38
C ALA B 149 22.17 -38.36 11.07
N LEU B 150 22.68 -39.51 10.62
CA LEU B 150 22.35 -40.77 11.28
C LEU B 150 22.92 -40.83 12.69
N LEU B 151 24.15 -40.34 12.88
CA LEU B 151 24.82 -40.45 14.17
C LEU B 151 24.50 -39.30 15.12
N ASN B 152 24.13 -38.14 14.60
CA ASN B 152 23.69 -37.00 15.42
C ASN B 152 22.40 -36.47 14.83
N PRO B 153 21.32 -36.47 15.61
CA PRO B 153 20.04 -35.96 15.11
C PRO B 153 19.95 -34.45 15.20
N SER B 154 18.91 -33.91 14.60
CA SER B 154 18.71 -32.46 14.56
C SER B 154 18.29 -31.93 15.93
N LYS B 155 18.47 -30.63 16.14
CA LYS B 155 18.09 -29.94 17.35
C LYS B 155 16.58 -29.98 17.58
N GLU B 156 15.79 -29.88 16.51
CA GLU B 156 14.35 -29.70 16.65
C GLU B 156 13.69 -30.86 17.39
N CYS B 157 14.09 -32.10 17.08
CA CYS B 157 13.46 -33.27 17.70
C CYS B 157 14.01 -33.45 19.11
N GLU B 158 13.39 -32.73 20.04
CA GLU B 158 13.70 -32.75 21.45
C GLU B 158 12.38 -32.78 22.20
N PRO B 159 12.29 -33.41 23.38
CA PRO B 159 13.35 -34.07 24.18
C PRO B 159 13.60 -35.51 23.78
N TYR B 160 13.45 -35.86 22.51
CA TYR B 160 13.71 -37.19 22.01
C TYR B 160 14.94 -37.20 21.10
N ARG B 161 15.97 -36.45 21.49
CA ARG B 161 17.22 -36.37 20.74
C ARG B 161 18.24 -37.40 21.18
N ARG B 162 18.47 -37.55 22.48
CA ARG B 162 19.39 -38.55 22.99
C ARG B 162 18.74 -39.27 24.17
N ASN B 163 18.96 -40.57 24.25
CA ASN B 163 18.49 -41.39 25.36
C ASN B 163 19.60 -42.33 25.78
N GLU B 164 19.90 -42.34 27.08
CA GLU B 164 20.99 -43.13 27.65
C GLU B 164 22.30 -42.88 26.91
N ASP B 165 22.59 -41.59 26.74
CA ASP B 165 23.81 -41.08 26.09
C ASP B 165 24.00 -41.65 24.68
N LYS B 166 22.90 -42.13 24.10
CA LYS B 166 22.91 -42.69 22.76
C LYS B 166 21.78 -42.06 21.97
N PRO B 167 22.07 -41.51 20.79
CA PRO B 167 21.01 -40.91 19.96
C PRO B 167 20.02 -41.96 19.49
N ILE B 168 18.73 -41.61 19.53
CA ILE B 168 17.70 -42.48 18.96
C ILE B 168 17.76 -42.41 17.45
N ALA B 169 17.55 -43.56 16.79
CA ALA B 169 17.62 -43.59 15.33
C ALA B 169 16.46 -42.78 14.75
N PRO B 170 15.18 -43.11 15.02
CA PRO B 170 14.12 -42.15 14.66
C PRO B 170 13.90 -41.13 15.77
N CYS B 171 14.24 -39.87 15.52
CA CYS B 171 14.11 -38.85 16.55
C CYS B 171 12.78 -38.11 16.39
N GLY B 172 12.24 -37.68 17.52
CA GLY B 172 11.03 -36.87 17.52
C GLY B 172 9.79 -37.59 17.97
N ALA B 173 8.83 -36.82 18.49
CA ALA B 173 7.57 -37.39 18.97
C ALA B 173 6.73 -37.93 17.81
N ILE B 174 6.80 -37.27 16.65
CA ILE B 174 6.06 -37.69 15.48
C ILE B 174 6.39 -39.14 15.11
N MET B 175 7.62 -39.57 15.41
CA MET B 175 7.98 -40.96 15.17
C MET B 175 7.79 -41.79 16.43
N ASN B 176 8.05 -41.19 17.60
CA ASN B 176 8.02 -41.94 18.86
C ASN B 176 6.63 -42.46 19.17
N SER B 177 5.59 -41.67 18.95
CA SER B 177 4.22 -42.05 19.29
C SER B 177 3.46 -42.64 18.11
N MET B 178 3.91 -43.78 17.58
CA MET B 178 3.21 -44.39 16.46
C MET B 178 2.12 -45.34 16.95
N PHE B 179 1.01 -45.37 16.21
CA PHE B 179 -0.07 -46.29 16.51
C PHE B 179 0.40 -47.73 16.31
N ASN B 180 0.26 -48.55 17.35
CA ASN B 180 0.86 -49.88 17.42
C ASN B 180 -0.13 -50.92 17.90
N ASP B 181 -1.34 -50.91 17.33
CA ASP B 181 -2.33 -51.94 17.61
C ASP B 181 -2.31 -53.00 16.51
N THR B 182 -2.73 -54.20 16.87
CA THR B 182 -2.82 -55.32 15.94
C THR B 182 -4.29 -55.66 15.76
N LEU B 183 -4.78 -55.61 14.52
CA LEU B 183 -6.16 -55.86 14.20
C LEU B 183 -6.25 -57.05 13.25
N GLU B 184 -7.09 -58.03 13.59
CA GLU B 184 -7.31 -59.18 12.74
C GLU B 184 -8.81 -59.39 12.56
N LEU B 185 -9.22 -59.69 11.33
CA LEU B 185 -10.61 -59.94 11.02
C LEU B 185 -10.87 -61.43 10.88
N PHE B 186 -12.03 -61.86 11.35
CA PHE B 186 -12.44 -63.27 11.30
C PHE B 186 -13.87 -63.36 10.81
N LEU B 187 -14.10 -64.21 9.82
CA LEU B 187 -15.44 -64.45 9.29
C LEU B 187 -15.99 -65.74 9.86
N ILE B 188 -17.23 -65.69 10.35
CA ILE B 188 -17.89 -66.87 10.90
C ILE B 188 -18.74 -67.48 9.79
N GLY B 189 -18.42 -68.72 9.42
CA GLY B 189 -19.12 -69.41 8.35
C GLY B 189 -20.48 -69.92 8.76
N GLN B 190 -20.98 -70.92 8.03
CA GLN B 190 -22.28 -71.51 8.37
C GLN B 190 -22.24 -72.14 9.76
N ASP B 191 -21.17 -72.85 10.08
CA ASP B 191 -20.99 -73.42 11.40
C ASP B 191 -20.31 -72.40 12.31
N SER B 192 -19.93 -72.82 13.52
CA SER B 192 -19.32 -71.92 14.48
C SER B 192 -17.82 -71.75 14.29
N TYR B 193 -17.22 -72.44 13.33
CA TYR B 193 -15.78 -72.35 13.12
C TYR B 193 -15.44 -71.08 12.37
N PRO B 194 -14.67 -70.15 12.96
CA PRO B 194 -14.28 -68.94 12.24
C PRO B 194 -13.20 -69.21 11.20
N ILE B 195 -13.22 -68.44 10.11
CA ILE B 195 -12.20 -68.53 9.07
C ILE B 195 -11.49 -67.18 8.99
N PRO B 196 -10.17 -67.15 8.86
CA PRO B 196 -9.46 -65.87 8.81
C PRO B 196 -9.57 -65.20 7.45
N ILE B 197 -9.26 -63.90 7.44
CA ILE B 197 -9.23 -63.09 6.23
C ILE B 197 -7.81 -62.59 6.02
N ALA B 198 -7.29 -62.80 4.81
CA ALA B 198 -5.93 -62.44 4.48
C ALA B 198 -5.83 -60.93 4.25
N LEU B 199 -4.91 -60.29 4.95
CA LEU B 199 -4.67 -58.86 4.82
C LEU B 199 -3.24 -58.63 4.38
N LYS B 200 -3.04 -57.75 3.40
CA LYS B 200 -1.72 -57.45 2.87
C LYS B 200 -1.25 -56.09 3.35
N LYS B 201 -0.01 -56.03 3.80
CA LYS B 201 0.56 -54.80 4.33
C LYS B 201 1.31 -53.98 3.30
N LYS B 202 1.42 -54.46 2.06
CA LYS B 202 2.23 -53.81 1.04
C LYS B 202 1.38 -52.91 0.16
N GLY B 203 1.86 -51.70 -0.07
CA GLY B 203 1.19 -50.78 -0.96
C GLY B 203 0.15 -49.87 -0.34
N ILE B 204 0.35 -49.43 0.90
CA ILE B 204 -0.58 -48.51 1.54
C ILE B 204 -0.01 -47.11 1.70
N ALA B 205 1.27 -46.91 1.38
CA ALA B 205 1.91 -45.61 1.49
C ALA B 205 2.16 -45.04 0.09
N TRP B 206 2.39 -43.73 0.04
CA TRP B 206 2.67 -43.06 -1.22
C TRP B 206 3.91 -43.64 -1.87
N TRP B 207 3.80 -43.93 -3.18
CA TRP B 207 4.94 -44.51 -3.89
C TRP B 207 6.14 -43.58 -3.88
N THR B 208 5.93 -42.29 -4.11
CA THR B 208 7.04 -41.36 -4.21
C THR B 208 7.79 -41.19 -2.88
N ASP B 209 7.07 -41.00 -1.78
CA ASP B 209 7.72 -40.81 -0.49
C ASP B 209 8.16 -42.13 0.14
N LYS B 210 7.70 -43.26 -0.38
CA LYS B 210 8.22 -44.56 0.02
C LYS B 210 9.49 -44.94 -0.71
N ASN B 211 9.61 -44.60 -2.00
CA ASN B 211 10.76 -45.01 -2.79
C ASN B 211 11.85 -43.95 -2.89
N VAL B 212 11.56 -42.69 -2.55
CA VAL B 212 12.56 -41.64 -2.70
C VAL B 212 12.82 -40.94 -1.37
N LYS B 213 11.76 -40.42 -0.75
CA LYS B 213 11.93 -39.61 0.45
C LYS B 213 12.42 -40.41 1.64
N PHE B 214 11.99 -41.67 1.78
CA PHE B 214 12.37 -42.52 2.90
C PHE B 214 13.33 -43.59 2.40
N ARG B 215 14.60 -43.50 2.78
CA ARG B 215 15.62 -44.46 2.39
C ARG B 215 16.32 -45.01 3.62
N ASN B 216 17.16 -46.01 3.39
CA ASN B 216 17.91 -46.67 4.45
C ASN B 216 19.38 -46.26 4.40
N PRO B 217 20.09 -46.37 5.52
CA PRO B 217 21.54 -46.15 5.52
C PRO B 217 22.22 -47.07 4.53
N PRO B 218 23.24 -46.60 3.82
CA PRO B 218 23.82 -47.40 2.74
C PRO B 218 24.96 -48.30 3.19
N GLY B 219 25.36 -48.19 4.46
CA GLY B 219 26.52 -48.93 4.94
C GLY B 219 26.21 -50.40 5.16
N GLY B 220 26.76 -51.26 4.31
CA GLY B 220 26.66 -52.69 4.52
C GLY B 220 25.37 -53.29 3.97
N ASP B 221 25.31 -54.62 4.05
CA ASP B 221 24.15 -55.38 3.61
C ASP B 221 23.20 -55.76 4.73
N ASN B 222 23.73 -56.27 5.85
CA ASN B 222 22.89 -56.60 6.99
C ASN B 222 22.33 -55.33 7.61
N LEU B 223 21.05 -55.36 7.98
CA LEU B 223 20.40 -54.18 8.51
C LEU B 223 20.72 -53.91 9.97
N GLU B 224 20.98 -54.96 10.77
CA GLU B 224 21.23 -54.78 12.19
C GLU B 224 22.50 -53.98 12.46
N GLU B 225 23.55 -54.18 11.66
CA GLU B 225 24.81 -53.49 11.88
C GLU B 225 24.86 -52.10 11.27
N ARG B 226 23.82 -51.68 10.55
CA ARG B 226 23.77 -50.31 10.07
C ARG B 226 23.47 -49.32 11.19
N PHE B 227 22.66 -49.73 12.16
CA PHE B 227 22.30 -48.89 13.30
C PHE B 227 23.16 -49.31 14.49
N LYS B 228 24.40 -48.81 14.52
CA LYS B 228 25.34 -49.14 15.58
C LYS B 228 25.35 -48.12 16.71
N GLY B 229 25.48 -46.83 16.38
CA GLY B 229 25.54 -45.80 17.39
C GLY B 229 24.19 -45.20 17.71
N THR B 230 23.13 -45.94 17.41
CA THR B 230 21.76 -45.49 17.65
C THR B 230 21.04 -46.48 18.57
N THR B 231 19.89 -46.03 19.07
CA THR B 231 19.10 -46.82 20.00
C THR B 231 17.63 -46.71 19.63
N LYS B 232 16.83 -47.66 20.11
CA LYS B 232 15.40 -47.62 19.85
C LYS B 232 14.74 -46.49 20.63
N PRO B 233 13.60 -45.99 20.17
CA PRO B 233 12.87 -44.96 20.93
C PRO B 233 12.46 -45.41 22.32
N VAL B 234 12.08 -44.45 23.16
CA VAL B 234 11.70 -44.77 24.53
C VAL B 234 10.45 -45.66 24.56
N ASN B 235 9.45 -45.33 23.74
CA ASN B 235 8.20 -46.07 23.75
C ASN B 235 8.23 -47.32 22.89
N TRP B 236 9.35 -47.57 22.20
CA TRP B 236 9.50 -48.76 21.37
C TRP B 236 9.56 -50.03 22.21
N LEU B 237 9.34 -51.18 21.58
CA LEU B 237 9.56 -52.48 22.20
C LEU B 237 10.64 -53.30 21.53
N LYS B 238 10.80 -53.18 20.22
CA LYS B 238 11.85 -53.81 19.44
C LYS B 238 12.48 -52.75 18.55
N PRO B 239 13.77 -52.85 18.23
CA PRO B 239 14.42 -51.77 17.51
C PRO B 239 13.95 -51.68 16.06
N VAL B 240 14.18 -50.51 15.46
CA VAL B 240 13.58 -50.16 14.18
C VAL B 240 13.98 -51.07 13.04
N TYR B 241 15.04 -51.87 13.20
CA TYR B 241 15.49 -52.79 12.17
C TYR B 241 14.92 -54.20 12.35
N MET B 242 13.88 -54.35 13.17
CA MET B 242 13.23 -55.64 13.37
C MET B 242 11.71 -55.55 13.24
N LEU B 243 11.19 -54.60 12.48
CA LEU B 243 9.75 -54.46 12.36
C LEU B 243 9.14 -55.60 11.54
N ASP B 244 9.81 -55.99 10.45
CA ASP B 244 9.29 -57.01 9.55
C ASP B 244 10.44 -57.88 9.08
N SER B 245 10.14 -59.15 8.83
CA SER B 245 11.15 -60.10 8.37
C SER B 245 11.65 -59.80 6.97
N ASP B 246 10.77 -59.38 6.07
CA ASP B 246 11.18 -59.03 4.71
C ASP B 246 12.10 -57.82 4.74
N PRO B 247 13.31 -57.91 4.19
CA PRO B 247 14.22 -56.76 4.23
C PRO B 247 13.70 -55.53 3.50
N ASP B 248 12.76 -55.69 2.57
CA ASP B 248 12.19 -54.57 1.83
C ASP B 248 11.31 -53.69 2.72
N ASN B 249 10.73 -54.26 3.78
CA ASN B 249 9.82 -53.54 4.66
C ASN B 249 10.32 -53.56 6.10
N ASN B 250 11.63 -53.57 6.28
CA ASN B 250 12.25 -53.79 7.58
C ASN B 250 12.55 -52.50 8.34
N GLY B 251 13.04 -51.46 7.67
CA GLY B 251 13.41 -50.24 8.36
C GLY B 251 13.38 -49.01 7.49
N PHE B 252 12.73 -47.94 7.99
CA PHE B 252 12.61 -46.66 7.29
C PHE B 252 11.82 -46.80 6.00
N ILE B 253 11.36 -48.03 5.69
CA ILE B 253 10.51 -48.29 4.55
C ILE B 253 9.21 -48.97 4.96
N ASN B 254 9.06 -49.32 6.24
CA ASN B 254 7.84 -49.97 6.72
C ASN B 254 6.62 -49.12 6.39
N GLU B 255 5.61 -49.76 5.81
CA GLU B 255 4.44 -49.03 5.32
C GLU B 255 3.67 -48.37 6.45
N ASP B 256 3.48 -49.05 7.58
CA ASP B 256 2.77 -48.45 8.70
C ASP B 256 3.54 -47.26 9.25
N PHE B 257 4.86 -47.39 9.37
CA PHE B 257 5.70 -46.31 9.86
C PHE B 257 5.59 -45.09 8.94
N ILE B 258 5.72 -45.32 7.62
CA ILE B 258 5.64 -44.23 6.66
C ILE B 258 4.28 -43.56 6.69
N VAL B 259 3.20 -44.36 6.75
CA VAL B 259 1.86 -43.80 6.82
C VAL B 259 1.66 -42.96 8.07
N TRP B 260 2.18 -43.41 9.21
CA TRP B 260 2.04 -42.62 10.43
C TRP B 260 2.90 -41.36 10.39
N MET B 261 4.01 -41.39 9.64
CA MET B 261 4.87 -40.22 9.56
C MET B 261 4.20 -39.03 8.89
N ARG B 262 3.10 -39.24 8.17
CA ARG B 262 2.40 -38.16 7.48
C ARG B 262 1.38 -37.56 8.44
N THR B 263 1.40 -36.25 8.58
CA THR B 263 0.50 -35.58 9.52
C THR B 263 -0.95 -35.69 9.06
N ALA B 264 -1.85 -35.14 9.87
CA ALA B 264 -3.28 -35.41 9.69
C ALA B 264 -4.09 -34.18 9.30
N ALA B 265 -3.66 -32.98 9.69
CA ALA B 265 -4.27 -31.68 9.41
C ALA B 265 -5.53 -31.43 10.24
N LEU B 266 -6.04 -32.41 10.98
CA LEU B 266 -7.26 -32.22 11.75
C LEU B 266 -7.16 -33.06 13.02
N PRO B 267 -7.81 -32.64 14.11
CA PRO B 267 -7.80 -33.43 15.35
C PRO B 267 -8.43 -34.81 15.20
N THR B 268 -9.37 -35.00 14.28
CA THR B 268 -10.00 -36.29 14.03
C THR B 268 -9.62 -36.72 12.61
N PHE B 269 -8.95 -37.87 12.49
CA PHE B 269 -8.40 -38.30 11.21
C PHE B 269 -8.50 -39.81 11.10
N ARG B 270 -8.13 -40.31 9.92
CA ARG B 270 -8.07 -41.74 9.66
C ARG B 270 -6.82 -42.04 8.84
N LYS B 271 -6.25 -43.22 9.07
CA LYS B 271 -5.04 -43.65 8.36
C LYS B 271 -5.26 -45.05 7.79
N LEU B 272 -4.75 -45.28 6.59
CA LEU B 272 -4.89 -46.59 5.97
C LEU B 272 -4.08 -47.64 6.72
N TYR B 273 -4.69 -48.81 6.92
CA TYR B 273 -4.08 -49.87 7.70
C TYR B 273 -3.78 -51.11 6.85
N ARG B 274 -4.76 -51.68 6.18
CA ARG B 274 -4.57 -52.89 5.38
C ARG B 274 -5.36 -52.77 4.09
N LEU B 275 -5.14 -53.73 3.20
CA LEU B 275 -5.87 -53.85 1.94
C LEU B 275 -6.47 -55.24 1.85
N ILE B 276 -7.75 -55.33 1.53
CA ILE B 276 -8.39 -56.62 1.26
C ILE B 276 -8.61 -56.73 -0.25
N GLU B 277 -8.12 -57.80 -0.84
CA GLU B 277 -8.11 -57.97 -2.29
C GLU B 277 -9.28 -58.82 -2.76
N ARG B 278 -9.62 -58.66 -4.03
CA ARG B 278 -10.72 -59.38 -4.63
C ARG B 278 -10.40 -60.87 -4.77
N LYS B 279 -11.39 -61.72 -4.47
CA LYS B 279 -11.29 -63.14 -4.77
C LYS B 279 -11.29 -63.35 -6.29
N SER B 280 -10.65 -64.44 -6.73
CA SER B 280 -10.53 -64.70 -8.16
C SER B 280 -11.90 -64.89 -8.80
N ASP B 281 -12.78 -65.65 -8.14
CA ASP B 281 -14.11 -65.87 -8.67
C ASP B 281 -15.00 -64.66 -8.37
N LEU B 282 -16.11 -64.57 -9.10
CA LEU B 282 -17.01 -63.41 -9.07
C LEU B 282 -17.79 -63.27 -7.76
N HIS B 283 -17.50 -64.09 -6.74
CA HIS B 283 -18.16 -63.89 -5.45
C HIS B 283 -17.73 -62.56 -4.84
N PRO B 284 -18.60 -61.92 -4.05
CA PRO B 284 -18.24 -60.63 -3.45
C PRO B 284 -17.14 -60.79 -2.41
N THR B 285 -16.35 -59.73 -2.24
CA THR B 285 -15.16 -59.81 -1.40
C THR B 285 -15.53 -60.05 0.07
N LEU B 286 -16.55 -59.36 0.56
CA LEU B 286 -17.02 -59.52 1.94
C LEU B 286 -18.50 -59.89 1.91
N PRO B 287 -18.82 -61.19 1.87
CA PRO B 287 -20.22 -61.60 1.99
C PRO B 287 -20.81 -61.21 3.33
N ALA B 288 -22.11 -60.90 3.31
CA ALA B 288 -22.80 -60.47 4.51
C ALA B 288 -22.86 -61.59 5.54
N GLY B 289 -22.76 -61.19 6.82
CA GLY B 289 -22.81 -62.11 7.93
C GLY B 289 -22.09 -61.52 9.13
N ARG B 290 -22.02 -62.30 10.20
CA ARG B 290 -21.34 -61.89 11.42
C ARG B 290 -19.83 -62.02 11.25
N TYR B 291 -19.09 -61.16 11.95
CA TYR B 291 -17.64 -61.14 11.91
C TYR B 291 -17.09 -61.03 13.32
N TRP B 292 -15.78 -61.28 13.43
CA TRP B 292 -15.07 -61.22 14.72
C TRP B 292 -13.91 -60.26 14.58
N LEU B 293 -13.69 -59.43 15.60
CA LEU B 293 -12.62 -58.43 15.59
C LEU B 293 -11.78 -58.63 16.84
N ASN B 294 -10.76 -59.48 16.74
CA ASN B 294 -9.80 -59.67 17.82
C ASN B 294 -8.76 -58.56 17.67
N VAL B 295 -8.62 -57.74 18.70
CA VAL B 295 -7.68 -56.62 18.70
C VAL B 295 -6.73 -56.78 19.88
N THR B 296 -5.57 -56.14 19.78
CA THR B 296 -4.60 -56.14 20.87
C THR B 296 -4.49 -54.71 21.40
N TYR B 297 -5.06 -54.47 22.58
CA TYR B 297 -5.19 -53.12 23.12
C TYR B 297 -3.86 -52.71 23.76
N ASN B 298 -3.05 -51.98 23.00
CA ASN B 298 -1.77 -51.47 23.47
C ASN B 298 -1.74 -49.95 23.55
N TYR B 299 -2.46 -49.28 22.67
CA TYR B 299 -2.40 -47.82 22.58
C TYR B 299 -3.34 -47.18 23.60
N PRO B 300 -2.84 -46.41 24.57
CA PRO B 300 -3.74 -45.68 25.47
C PRO B 300 -4.17 -44.35 24.89
N VAL B 301 -5.49 -44.11 24.83
CA VAL B 301 -6.01 -42.90 24.21
C VAL B 301 -6.97 -42.21 25.17
N HIS B 302 -7.41 -42.91 26.21
CA HIS B 302 -8.37 -42.34 27.14
C HIS B 302 -7.73 -41.31 28.07
N TYR B 303 -6.40 -41.17 28.04
CA TYR B 303 -5.74 -40.20 28.91
C TYR B 303 -6.13 -38.77 28.54
N PHE B 304 -6.34 -38.50 27.26
CA PHE B 304 -6.73 -37.18 26.79
C PHE B 304 -8.11 -37.19 26.15
N ASP B 305 -8.98 -38.07 26.62
CA ASP B 305 -10.37 -38.17 26.16
C ASP B 305 -10.43 -38.41 24.64
N GLY B 306 -9.62 -39.36 24.18
CA GLY B 306 -9.62 -39.74 22.78
C GLY B 306 -10.47 -40.98 22.52
N ARG B 307 -10.66 -41.26 21.24
CA ARG B 307 -11.45 -42.40 20.80
C ARG B 307 -10.71 -43.14 19.69
N LYS B 308 -10.87 -44.46 19.67
CA LYS B 308 -10.33 -45.31 18.61
C LYS B 308 -11.47 -45.99 17.86
N ARG B 309 -11.26 -46.23 16.58
CA ARG B 309 -12.27 -46.88 15.75
C ARG B 309 -11.60 -47.51 14.55
N MET B 310 -12.31 -48.47 13.95
CA MET B 310 -11.87 -49.16 12.74
C MET B 310 -12.94 -49.02 11.68
N ILE B 311 -12.54 -48.66 10.46
CA ILE B 311 -13.46 -48.38 9.37
C ILE B 311 -13.16 -49.34 8.22
N LEU B 312 -14.18 -50.06 7.77
CA LEU B 312 -14.13 -50.87 6.57
C LEU B 312 -14.96 -50.18 5.51
N SER B 313 -14.34 -49.83 4.38
CA SER B 313 -15.02 -49.04 3.37
C SER B 313 -14.57 -49.45 1.98
N THR B 314 -15.45 -49.25 1.02
CA THR B 314 -15.14 -49.39 -0.39
C THR B 314 -14.94 -48.00 -1.01
N ILE B 315 -14.36 -47.98 -2.20
CA ILE B 315 -14.05 -46.73 -2.88
C ILE B 315 -14.66 -46.76 -4.28
N SER B 316 -14.58 -45.61 -4.95
CA SER B 316 -15.04 -45.48 -6.32
C SER B 316 -14.07 -44.54 -7.05
N TRP B 317 -14.48 -44.06 -8.22
CA TRP B 317 -13.63 -43.17 -9.00
C TRP B 317 -13.35 -41.86 -8.29
N MET B 318 -14.19 -41.44 -7.36
CA MET B 318 -14.01 -40.18 -6.66
C MET B 318 -13.36 -40.34 -5.28
N GLY B 319 -13.46 -41.53 -4.68
CA GLY B 319 -12.89 -41.75 -3.36
C GLY B 319 -13.90 -42.21 -2.33
N GLY B 320 -13.87 -41.60 -1.15
CA GLY B 320 -14.72 -42.01 -0.05
C GLY B 320 -16.15 -41.49 -0.15
N LYS B 321 -16.94 -41.74 0.89
CA LYS B 321 -18.34 -41.34 0.93
C LYS B 321 -18.43 -39.94 1.55
N ASN B 322 -18.87 -38.98 0.75
CA ASN B 322 -19.12 -37.62 1.22
C ASN B 322 -20.09 -36.92 0.28
N PRO B 323 -21.29 -36.56 0.74
CA PRO B 323 -22.26 -35.91 -0.17
C PRO B 323 -22.05 -34.42 -0.30
N PHE B 324 -21.02 -33.85 0.32
CA PHE B 324 -20.84 -32.41 0.31
C PHE B 324 -20.65 -31.86 -1.10
N LEU B 325 -19.83 -32.55 -1.91
CA LEU B 325 -19.56 -32.07 -3.26
C LEU B 325 -20.81 -32.06 -4.11
N GLY B 326 -21.59 -33.14 -4.09
CA GLY B 326 -22.82 -33.18 -4.87
C GLY B 326 -23.83 -32.15 -4.38
N ILE B 327 -23.98 -32.04 -3.06
CA ILE B 327 -24.93 -31.07 -2.50
C ILE B 327 -24.55 -29.65 -2.90
N ALA B 328 -23.26 -29.29 -2.79
CA ALA B 328 -22.79 -27.98 -3.20
C ALA B 328 -22.98 -27.71 -4.68
N TYR B 329 -22.69 -28.69 -5.54
CA TYR B 329 -22.91 -28.51 -6.97
C TYR B 329 -24.38 -28.29 -7.29
N ILE B 330 -25.29 -29.07 -6.67
CA ILE B 330 -26.71 -28.88 -6.91
C ILE B 330 -27.16 -27.51 -6.44
N ALA B 331 -26.71 -27.10 -5.25
CA ALA B 331 -27.11 -25.80 -4.72
C ALA B 331 -26.62 -24.67 -5.61
N VAL B 332 -25.36 -24.73 -6.06
CA VAL B 332 -24.83 -23.71 -6.94
C VAL B 332 -25.54 -23.67 -8.28
N GLY B 333 -25.77 -24.82 -8.92
CA GLY B 333 -26.53 -24.84 -10.16
C GLY B 333 -27.92 -24.28 -10.04
N SER B 334 -28.66 -24.66 -8.99
CA SER B 334 -29.99 -24.12 -8.78
C SER B 334 -29.97 -22.62 -8.52
N ILE B 335 -29.05 -22.14 -7.67
CA ILE B 335 -29.00 -20.71 -7.35
C ILE B 335 -28.54 -19.90 -8.54
N SER B 336 -27.79 -20.49 -9.47
CA SER B 336 -27.43 -19.80 -10.69
C SER B 336 -28.57 -19.77 -11.69
N PHE B 337 -29.22 -20.92 -11.93
CA PHE B 337 -30.32 -20.99 -12.89
C PHE B 337 -31.51 -20.13 -12.47
N LEU B 338 -31.89 -20.17 -11.20
CA LEU B 338 -33.02 -19.36 -10.74
C LEU B 338 -32.73 -17.88 -10.85
N LEU B 339 -31.52 -17.46 -10.47
CA LEU B 339 -31.15 -16.05 -10.62
C LEU B 339 -31.13 -15.63 -12.08
N GLY B 340 -30.62 -16.48 -12.97
CA GLY B 340 -30.63 -16.15 -14.38
C GLY B 340 -32.04 -16.00 -14.92
N VAL B 341 -32.94 -16.90 -14.52
CA VAL B 341 -34.33 -16.80 -14.97
C VAL B 341 -34.97 -15.52 -14.42
N VAL B 342 -34.71 -15.20 -13.16
CA VAL B 342 -35.30 -14.01 -12.54
C VAL B 342 -34.84 -12.76 -13.29
N LEU B 343 -33.53 -12.67 -13.54
CA LEU B 343 -33.02 -11.52 -14.29
C LEU B 343 -33.52 -11.48 -15.72
N LEU B 344 -33.69 -12.63 -16.37
CA LEU B 344 -34.26 -12.66 -17.72
C LEU B 344 -35.68 -12.11 -17.72
N VAL B 345 -36.48 -12.48 -16.73
CA VAL B 345 -37.86 -12.00 -16.71
C VAL B 345 -37.92 -10.54 -16.27
N ILE B 346 -36.93 -10.07 -15.52
CA ILE B 346 -36.90 -8.66 -15.14
C ILE B 346 -36.49 -7.75 -16.29
N ASN B 347 -35.43 -8.10 -17.03
CA ASN B 347 -34.96 -7.19 -18.08
C ASN B 347 -35.87 -7.16 -19.30
N HIS B 348 -36.92 -7.98 -19.32
CA HIS B 348 -37.87 -8.01 -20.42
C HIS B 348 -38.69 -6.73 -20.52
N LYS B 349 -38.64 -5.86 -19.51
CA LYS B 349 -39.36 -4.59 -19.56
C LYS B 349 -38.93 -3.72 -20.73
N TYR B 350 -37.69 -3.86 -21.20
CA TYR B 350 -37.22 -3.11 -22.35
C TYR B 350 -37.34 -3.94 -23.62
C1 NAG C . 5.18 -46.97 27.38
C2 NAG C . 4.75 -46.01 28.47
C3 NAG C . 5.96 -45.30 29.07
C4 NAG C . 6.99 -46.32 29.53
C5 NAG C . 7.32 -47.29 28.40
C6 NAG C . 8.24 -48.41 28.83
C7 NAG C . 2.48 -45.14 28.11
C8 NAG C . 1.65 -44.04 27.51
N2 NAG C . 3.80 -45.03 27.96
O3 NAG C . 5.54 -44.49 30.16
O4 NAG C . 8.18 -45.65 29.93
O5 NAG C . 6.12 -47.91 27.91
O6 NAG C . 7.96 -48.83 30.16
O7 NAG C . 1.96 -46.07 28.72
C1 MAN C . 8.34 -45.71 31.38
C2 MAN C . 9.73 -46.32 31.66
C3 MAN C . 9.66 -47.21 32.90
C4 MAN C . 8.75 -46.58 33.96
C5 MAN C . 7.30 -46.56 33.44
C6 MAN C . 6.47 -45.42 34.01
O2 MAN C . 10.69 -45.32 31.95
O3 MAN C . 10.96 -47.45 33.44
O4 MAN C . 8.81 -47.34 35.15
O5 MAN C . 7.28 -46.45 31.97
O6 MAN C . 7.34 -44.32 34.25
AL ALF D . 1.86 39.12 -12.28
F1 ALF D . 2.56 39.18 -13.93
F2 ALF D . 1.05 39.01 -10.68
F3 ALF D . 2.46 37.42 -12.16
F4 ALF D . 0.97 40.83 -12.58
MG MG E . 7.02 38.35 -13.19
C P5S F . 6.52 -10.09 6.23
N P5S F . 6.05 -7.69 6.58
O P5S F . 6.33 -10.39 7.42
C1 P5S F . 10.45 -8.50 0.12
C2 P5S F . 8.96 -8.22 0.20
C3 P5S F . 8.22 -9.15 1.13
CA P5S F . 5.79 -8.85 5.70
CB P5S F . 6.20 -8.53 4.27
OG P5S F . 5.42 -9.35 3.36
P12 P5S F . 5.67 -9.21 1.79
O13 P5S F . 5.86 -10.59 1.22
O15 P5S F . 4.61 -8.30 1.22
O16 P5S F . 7.08 -8.46 1.69
C17 P5S F . 12.22 -7.55 -1.09
O18 P5S F . 12.61 -8.64 -1.40
O19 P5S F . 11.10 -7.33 -0.41
C20 P5S F . 12.93 -6.26 -1.42
C21 P5S F . 12.06 -5.27 -2.10
C22 P5S F . 12.77 -3.97 -2.39
C23 P5S F . 13.58 -3.98 -3.66
C24 P5S F . 13.05 -3.07 -4.75
C25 P5S F . 12.73 -3.77 -6.04
C26 P5S F . 13.26 -3.07 -7.27
C27 P5S F . 13.67 -1.64 -7.04
C28 P5S F . 13.61 -0.76 -8.27
C29 P5S F . 13.32 0.70 -7.98
C30 P5S F . 13.27 1.58 -9.20
C31 P5S F . 12.86 3.00 -8.92
C32 P5S F . 11.97 3.16 -7.71
C33 P5S F . 12.15 4.48 -7.00
C34 P5S F . 13.43 5.20 -7.34
C35 P5S F . 13.38 6.69 -7.18
C36 P5S F . 14.66 7.31 -6.70
O37 P5S F . 8.40 -8.34 -1.14
C38 P5S F . 8.22 -7.23 -1.86
C39 P5S F . 7.90 -7.50 -3.30
C40 P5S F . 8.91 -6.94 -4.24
C41 P5S F . 8.33 -5.89 -5.16
C42 P5S F . 7.19 -6.38 -6.02
C43 P5S F . 7.48 -6.36 -7.50
C44 P5S F . 8.36 -7.48 -7.99
C45 P5S F . 7.88 -8.15 -9.26
C46 P5S F . 8.89 -9.03 -9.92
O47 P5S F . 8.33 -6.14 -1.38
C48 P5S F . 8.46 -10.46 -10.10
C49 P5S F . 9.55 -11.48 -9.85
C50 P5S F . 9.50 -12.67 -10.78
C51 P5S F . 8.29 -12.72 -11.65
C52 P5S F . 7.86 -14.12 -12.05
C53 P5S F . 6.41 -14.24 -12.42
C54 P5S F . 6.17 -14.44 -13.90
C55 P5S F . 5.03 -13.64 -14.45
C56 P5S F . 5.19 -13.29 -15.92
OXT P5S F . 7.23 -10.71 5.43
C1 NAG G . 2.40 -48.90 21.95
C2 NAG G . 3.24 -49.54 23.04
C3 NAG G . 2.91 -48.91 24.39
C4 NAG G . 3.03 -47.40 24.32
C5 NAG G . 2.20 -46.85 23.16
C6 NAG G . 2.39 -45.37 22.95
C7 NAG G . 4.01 -51.86 22.85
C8 NAG G . 5.36 -51.28 22.55
N2 NAG G . 3.03 -50.98 23.09
O3 NAG G . 3.79 -49.42 25.38
O4 NAG G . 2.56 -46.82 25.54
O5 NAG G . 2.60 -47.49 21.94
O6 NAG G . 3.71 -44.96 23.28
O7 NAG G . 3.82 -53.07 22.90
C1 NAG H . -8.57 -63.56 18.95
C2 NAG H . -7.77 -64.86 19.08
C3 NAG H . -8.67 -66.06 18.83
C4 NAG H . -9.88 -66.02 19.76
C5 NAG H . -10.61 -64.67 19.61
C6 NAG H . -11.74 -64.51 20.59
C7 NAG H . -5.39 -64.61 18.57
C8 NAG H . -4.33 -64.65 17.50
N2 NAG H . -6.64 -64.86 18.17
O3 NAG H . -7.93 -67.26 19.06
O4 NAG H . -10.78 -67.06 19.42
O5 NAG H . -9.69 -63.59 19.86
O6 NAG H . -11.77 -65.58 21.53
O7 NAG H . -5.12 -64.34 19.74
C1 NAG I . -19.92 -62.75 20.16
C2 NAG I . -21.14 -62.74 21.08
C3 NAG I . -21.32 -64.11 21.70
C4 NAG I . -19.99 -64.68 22.17
C5 NAG I . -19.02 -64.80 21.00
C6 NAG I . -18.81 -66.23 20.56
C7 NAG I . -20.65 -60.47 21.86
C8 NAG I . -19.42 -59.97 22.56
N2 NAG I . -21.01 -61.73 22.12
O3 NAG I . -21.93 -64.98 20.74
O5 NAG I . -19.53 -64.08 19.85
O6 NAG I . -19.74 -66.60 19.54
O7 NAG I . -21.30 -59.75 21.10
#